data_1VRX
#
_entry.id   1VRX
#
_cell.length_a   96.690
_cell.length_b   96.690
_cell.length_c   258.600
_cell.angle_alpha   90.00
_cell.angle_beta   90.00
_cell.angle_gamma   120.00
#
_symmetry.space_group_name_H-M   'P 32 2 1'
#
loop_
_entity.id
_entity.type
_entity.pdbx_description
1 polymer 'ENDOCELLULASE E1 FROM A. CELLULOLYTICUS'
2 water water
#
_entity_poly.entity_id   1
_entity_poly.type   'polypeptide(L)'
_entity_poly.pdbx_seq_one_letter_code
;AGGGYWHTSGREILDANNVPVRIAGINWFGFETCNYVVHGLWSRDYRSMLDQIKSLGYNTIRLPYSDDILKPGTMPNSIN
FYQMNQDLQGLTSLQVMDKIVAYAGQIGLRIILDRHRPDCSGQSALWYTSSVSEATWISDLQALAQRYKGNPTVVGFDLH
NEPHDPACWGCGDPSIDWRLAAERAGNAVLSVNPNLLIFVEGVQSYNGDSYWWGGNLQGAGQYPVVLNVPNRLVYSAHDY
ATSVGPQTWFSDPTFPNNMPGIWNKNWGYLFNQNIAPVWLGEFGTTLQSTTDQTWLKTLVQYLRPTAQYGADSFQWTFWS
WNPDSGDTGGILKDDWQTVDTDKDGYLAPIKSSIFDPV
;
_entity_poly.pdbx_strand_id   A,B
#
# COMPACT_ATOMS: atom_id res chain seq x y z
N ALA A 1 19.49 -31.40 6.94
CA ALA A 1 20.46 -30.67 6.12
C ALA A 1 20.30 -29.15 6.28
N GLY A 2 21.22 -28.39 5.70
CA GLY A 2 21.08 -26.94 5.63
C GLY A 2 22.11 -26.25 6.48
N GLY A 3 22.89 -27.04 7.23
CA GLY A 3 23.89 -26.47 8.12
C GLY A 3 24.84 -25.50 7.46
N GLY A 4 25.24 -24.45 8.18
CA GLY A 4 26.16 -23.44 7.70
C GLY A 4 25.72 -22.61 6.51
N TYR A 5 26.63 -21.73 6.06
CA TYR A 5 26.26 -20.98 4.86
C TYR A 5 26.13 -21.90 3.67
N TRP A 6 25.54 -21.40 2.60
CA TRP A 6 25.26 -22.28 1.47
C TRP A 6 26.04 -21.90 0.24
N HIS A 7 26.04 -22.75 -0.80
CA HIS A 7 26.75 -22.30 -2.00
C HIS A 7 26.09 -22.96 -3.20
N THR A 8 26.64 -22.60 -4.36
CA THR A 8 26.06 -23.21 -5.56
C THR A 8 27.03 -24.25 -6.13
N SER A 9 26.37 -25.13 -6.85
CA SER A 9 26.95 -26.08 -7.78
C SER A 9 25.96 -26.17 -8.94
N GLY A 10 26.37 -25.57 -10.07
CA GLY A 10 25.48 -25.58 -11.22
C GLY A 10 24.13 -24.99 -10.86
N ARG A 11 23.09 -25.79 -11.09
CA ARG A 11 21.76 -25.28 -10.85
C ARG A 11 21.21 -25.76 -9.52
N GLU A 12 22.10 -26.17 -8.62
CA GLU A 12 21.66 -26.62 -7.30
C GLU A 12 22.26 -25.77 -6.18
N ILE A 13 21.56 -25.70 -5.05
CA ILE A 13 22.13 -25.04 -3.88
C ILE A 13 22.54 -26.16 -2.92
N LEU A 14 23.68 -26.03 -2.28
CA LEU A 14 24.34 -26.95 -1.39
C LEU A 14 24.66 -26.36 -0.02
N ASP A 15 24.50 -27.14 1.05
CA ASP A 15 24.91 -26.59 2.34
C ASP A 15 26.43 -26.73 2.48
N ALA A 16 26.93 -26.48 3.67
CA ALA A 16 28.36 -26.51 3.95
C ALA A 16 28.92 -27.93 3.93
N ASN A 17 28.04 -28.94 3.86
CA ASN A 17 28.53 -30.32 3.79
C ASN A 17 28.24 -30.89 2.41
N ASN A 18 28.06 -29.99 1.47
CA ASN A 18 27.74 -30.26 0.07
C ASN A 18 26.56 -31.19 -0.09
N VAL A 19 25.64 -31.13 0.88
CA VAL A 19 24.35 -31.74 0.56
C VAL A 19 23.38 -30.76 -0.11
N PRO A 20 22.78 -31.12 -1.23
CA PRO A 20 21.85 -30.22 -1.92
C PRO A 20 20.64 -29.89 -1.07
N VAL A 21 20.22 -28.63 -1.11
CA VAL A 21 19.05 -28.16 -0.38
C VAL A 21 18.08 -27.52 -1.36
N ARG A 22 16.79 -27.57 -1.03
CA ARG A 22 15.80 -26.90 -1.86
C ARG A 22 15.03 -25.86 -1.03
N ILE A 23 15.10 -24.60 -1.44
CA ILE A 23 14.33 -23.54 -0.82
C ILE A 23 12.86 -23.70 -1.24
N ALA A 24 11.99 -23.95 -0.28
CA ALA A 24 10.57 -24.17 -0.65
C ALA A 24 9.75 -23.51 0.45
N GLY A 25 9.47 -22.22 0.25
CA GLY A 25 9.03 -21.43 1.37
C GLY A 25 7.90 -20.47 1.11
N ILE A 26 7.85 -19.47 1.98
CA ILE A 26 6.76 -18.50 1.97
C ILE A 26 7.23 -17.07 2.23
N ASN A 27 6.45 -16.11 1.74
CA ASN A 27 6.69 -14.69 2.03
C ASN A 27 5.82 -14.28 3.23
N TRP A 28 6.43 -13.62 4.19
CA TRP A 28 5.71 -13.02 5.32
C TRP A 28 6.00 -11.54 5.31
N PHE A 29 5.02 -10.72 4.88
CA PHE A 29 5.45 -9.33 4.63
C PHE A 29 4.99 -8.36 5.72
N GLY A 30 5.57 -7.17 5.71
CA GLY A 30 5.12 -6.07 6.55
C GLY A 30 6.22 -5.13 6.98
N PHE A 31 7.45 -5.62 7.08
CA PHE A 31 8.56 -4.79 7.53
C PHE A 31 8.89 -3.76 6.44
N GLU A 32 8.36 -3.99 5.25
CA GLU A 32 8.47 -3.03 4.15
C GLU A 32 7.25 -2.13 4.09
N THR A 33 6.24 -2.37 4.93
CA THR A 33 5.13 -1.41 4.99
C THR A 33 5.43 -0.28 5.98
N CYS A 34 4.50 0.67 6.04
CA CYS A 34 4.63 1.74 7.03
C CYS A 34 4.12 1.27 8.39
N ASN A 35 3.94 -0.04 8.59
CA ASN A 35 3.71 -0.49 9.97
C ASN A 35 5.06 -0.87 10.57
N TYR A 36 6.07 -1.03 9.71
CA TYR A 36 7.43 -1.35 10.07
C TYR A 36 7.59 -2.69 10.79
N VAL A 37 6.80 -3.69 10.45
CA VAL A 37 6.89 -4.99 11.11
C VAL A 37 6.00 -5.97 10.36
N VAL A 38 6.32 -7.25 10.47
CA VAL A 38 5.43 -8.27 9.93
C VAL A 38 4.03 -8.02 10.51
N HIS A 39 3.04 -8.18 9.67
CA HIS A 39 1.62 -8.13 9.93
C HIS A 39 1.12 -9.38 10.63
N GLY A 40 0.06 -9.21 11.42
CA GLY A 40 -0.65 -10.29 12.09
C GLY A 40 -0.25 -10.49 13.54
N LEU A 41 0.76 -9.78 14.03
CA LEU A 41 1.25 -9.77 15.39
C LEU A 41 0.33 -8.95 16.31
N TRP A 42 -0.86 -8.67 15.82
CA TRP A 42 -1.95 -7.99 16.48
C TRP A 42 -2.96 -9.05 16.93
N SER A 43 -2.74 -10.23 16.39
CA SER A 43 -3.56 -11.40 16.69
C SER A 43 -2.74 -12.61 17.09
N ARG A 44 -1.45 -12.66 16.77
CA ARG A 44 -0.70 -13.88 17.05
C ARG A 44 0.61 -13.61 17.76
N ASP A 45 1.01 -14.54 18.62
CA ASP A 45 2.38 -14.43 19.12
C ASP A 45 3.33 -14.74 17.98
N TYR A 46 4.49 -14.10 17.86
CA TYR A 46 5.30 -14.37 16.67
C TYR A 46 5.94 -15.76 16.66
N ARG A 47 6.32 -16.30 17.80
CA ARG A 47 6.90 -17.65 17.87
C ARG A 47 5.83 -18.65 17.48
N SER A 48 4.60 -18.33 17.88
CA SER A 48 3.53 -19.25 17.50
C SER A 48 3.28 -19.22 16.00
N MET A 49 3.58 -18.08 15.38
CA MET A 49 3.32 -17.96 13.94
C MET A 49 4.35 -18.77 13.17
N LEU A 50 5.60 -18.53 13.51
CA LEU A 50 6.75 -19.27 13.03
C LEU A 50 6.57 -20.77 13.20
N ASP A 51 6.12 -21.21 14.37
CA ASP A 51 5.88 -22.64 14.55
C ASP A 51 4.82 -23.19 13.61
N GLN A 52 3.84 -22.33 13.33
CA GLN A 52 2.76 -22.83 12.46
C GLN A 52 3.26 -23.00 11.03
N ILE A 53 4.20 -22.13 10.66
CA ILE A 53 4.74 -22.14 9.31
C ILE A 53 5.63 -23.36 9.10
N LYS A 54 6.45 -23.66 10.09
CA LYS A 54 7.27 -24.86 10.10
C LYS A 54 6.42 -26.13 10.00
N SER A 55 5.41 -26.16 10.86
CA SER A 55 4.47 -27.26 10.96
C SER A 55 3.81 -27.53 9.61
N LEU A 56 3.56 -26.45 8.88
CA LEU A 56 2.91 -26.59 7.58
C LEU A 56 3.93 -27.00 6.53
N GLY A 57 5.24 -27.06 6.86
CA GLY A 57 6.09 -27.57 5.80
C GLY A 57 7.01 -26.60 5.13
N TYR A 58 6.72 -25.32 5.18
CA TYR A 58 7.57 -24.29 4.57
C TYR A 58 8.90 -24.19 5.28
N ASN A 59 10.01 -24.06 4.55
CA ASN A 59 11.28 -24.16 5.30
C ASN A 59 12.05 -22.85 5.28
N THR A 60 11.59 -21.91 4.45
CA THR A 60 12.34 -20.67 4.29
C THR A 60 11.38 -19.49 4.33
N ILE A 61 11.82 -18.38 4.92
CA ILE A 61 10.94 -17.21 4.80
C ILE A 61 11.63 -16.12 3.99
N ARG A 62 10.90 -15.64 2.98
CA ARG A 62 11.37 -14.43 2.30
C ARG A 62 10.78 -13.26 3.09
N LEU A 63 11.67 -12.43 3.60
CA LEU A 63 11.37 -11.34 4.53
C LEU A 63 11.50 -9.96 3.91
N PRO A 64 10.46 -9.44 3.29
CA PRO A 64 10.50 -8.10 2.70
C PRO A 64 10.75 -7.01 3.73
N TYR A 65 11.64 -6.07 3.41
CA TYR A 65 11.79 -4.86 4.22
C TYR A 65 11.94 -3.61 3.35
N SER A 66 11.85 -2.45 4.00
CA SER A 66 12.14 -1.17 3.36
C SER A 66 13.26 -0.47 4.12
N ASP A 67 13.94 0.47 3.44
CA ASP A 67 15.04 1.12 4.15
C ASP A 67 14.58 2.01 5.29
N ASP A 68 13.29 2.29 5.43
CA ASP A 68 12.80 3.07 6.58
C ASP A 68 13.18 2.40 7.90
N ILE A 69 13.08 1.08 8.00
CA ILE A 69 13.42 0.42 9.27
C ILE A 69 14.88 0.61 9.66
N LEU A 70 15.73 1.10 8.77
CA LEU A 70 17.10 1.34 9.22
C LEU A 70 17.26 2.75 9.74
N LYS A 71 16.23 3.59 9.53
CA LYS A 71 16.34 4.91 10.15
C LYS A 71 16.31 4.68 11.65
N PRO A 72 17.28 5.25 12.34
CA PRO A 72 17.45 5.03 13.77
C PRO A 72 16.15 5.30 14.52
N GLY A 73 15.87 4.47 15.52
CA GLY A 73 14.66 4.67 16.30
C GLY A 73 13.36 4.37 15.60
N THR A 74 13.42 3.64 14.47
CA THR A 74 12.14 3.37 13.81
C THR A 74 11.38 2.30 14.57
N MET A 75 10.06 2.44 14.72
CA MET A 75 9.39 1.46 15.58
C MET A 75 8.13 0.89 14.92
N PRO A 76 7.87 -0.35 15.31
CA PRO A 76 6.70 -1.07 14.80
C PRO A 76 5.44 -0.38 15.30
N ASN A 77 4.32 -0.45 14.57
CA ASN A 77 3.14 0.19 15.15
C ASN A 77 1.90 -0.68 14.98
N SER A 78 2.11 -1.98 14.79
CA SER A 78 0.90 -2.81 14.69
C SER A 78 1.08 -4.12 15.45
N ILE A 79 1.76 -4.07 16.59
CA ILE A 79 1.91 -5.28 17.41
C ILE A 79 1.00 -5.26 18.62
N ASN A 80 0.28 -6.35 18.88
CA ASN A 80 -0.47 -6.43 20.13
C ASN A 80 0.37 -7.08 21.23
N PHE A 81 0.38 -6.49 22.43
CA PHE A 81 1.24 -7.07 23.45
C PHE A 81 0.50 -7.70 24.62
N TYR A 82 -0.81 -7.89 24.50
CA TYR A 82 -1.57 -8.49 25.60
C TYR A 82 -1.48 -10.02 25.54
N GLN A 83 -0.80 -10.60 26.53
CA GLN A 83 -0.70 -12.04 26.65
C GLN A 83 0.15 -12.66 25.53
N MET A 84 0.87 -11.83 24.79
CA MET A 84 1.65 -12.31 23.66
C MET A 84 2.66 -11.25 23.27
N ASN A 85 3.71 -11.69 22.59
CA ASN A 85 4.71 -10.77 22.03
C ASN A 85 5.38 -9.90 23.07
N GLN A 86 5.31 -10.34 24.32
CA GLN A 86 5.83 -9.53 25.42
C GLN A 86 7.30 -9.19 25.26
N ASP A 87 8.05 -9.99 24.50
CA ASP A 87 9.47 -9.63 24.54
C ASP A 87 9.81 -8.64 23.44
N LEU A 88 8.79 -8.21 22.70
CA LEU A 88 8.97 -7.29 21.58
C LEU A 88 8.67 -5.85 22.00
N GLN A 89 7.99 -5.73 23.13
CA GLN A 89 7.67 -4.44 23.70
C GLN A 89 8.94 -3.61 23.94
N GLY A 90 8.86 -2.41 23.36
CA GLY A 90 9.87 -1.41 23.37
C GLY A 90 11.02 -1.66 22.43
N LEU A 91 10.88 -2.61 21.49
CA LEU A 91 12.02 -2.81 20.59
C LEU A 91 11.87 -2.04 19.30
N THR A 92 13.02 -1.65 18.75
CA THR A 92 12.95 -1.06 17.42
C THR A 92 12.59 -2.13 16.40
N SER A 93 12.17 -1.69 15.22
CA SER A 93 11.86 -2.56 14.09
C SER A 93 12.98 -3.57 13.87
N LEU A 94 14.22 -3.09 13.89
CA LEU A 94 15.39 -3.94 13.75
C LEU A 94 15.59 -4.88 14.92
N GLN A 95 15.40 -4.36 16.13
CA GLN A 95 15.43 -5.31 17.27
C GLN A 95 14.35 -6.37 17.10
N VAL A 96 13.17 -5.99 16.62
CA VAL A 96 12.16 -7.03 16.39
C VAL A 96 12.67 -8.01 15.34
N MET A 97 13.32 -7.51 14.29
CA MET A 97 13.75 -8.43 13.24
C MET A 97 14.71 -9.47 13.81
N ASP A 98 15.67 -9.03 14.60
CA ASP A 98 16.61 -9.87 15.31
C ASP A 98 15.93 -11.10 15.92
N LYS A 99 14.83 -10.81 16.60
CA LYS A 99 14.05 -11.77 17.36
C LYS A 99 13.45 -12.87 16.49
N ILE A 100 12.87 -12.45 15.37
CA ILE A 100 12.27 -13.33 14.37
C ILE A 100 13.33 -14.20 13.71
N VAL A 101 14.46 -13.60 13.37
CA VAL A 101 15.58 -14.33 12.79
C VAL A 101 16.08 -15.41 13.72
N ALA A 102 16.11 -15.10 15.02
CA ALA A 102 16.66 -16.09 15.93
C ALA A 102 15.79 -17.31 16.15
N TYR A 103 14.51 -17.06 16.43
CA TYR A 103 13.63 -18.19 16.73
C TYR A 103 13.60 -19.10 15.50
N ALA A 104 13.38 -18.45 14.36
CA ALA A 104 13.31 -19.16 13.09
C ALA A 104 14.53 -20.05 12.88
N GLY A 105 15.69 -19.57 13.30
CA GLY A 105 16.91 -20.35 13.13
C GLY A 105 16.91 -21.52 14.10
N GLN A 106 16.48 -21.22 15.32
CA GLN A 106 16.37 -22.22 16.36
C GLN A 106 15.44 -23.36 15.97
N ILE A 107 14.52 -23.15 15.02
CA ILE A 107 13.52 -24.20 14.80
C ILE A 107 13.64 -24.85 13.44
N GLY A 108 14.70 -24.51 12.69
CA GLY A 108 14.91 -25.12 11.39
C GLY A 108 14.45 -24.38 10.17
N LEU A 109 13.93 -23.16 10.27
CA LEU A 109 13.64 -22.33 9.12
C LEU A 109 14.87 -21.54 8.68
N ARG A 110 14.82 -20.98 7.46
CA ARG A 110 15.87 -20.08 7.02
C ARG A 110 15.21 -18.79 6.55
N ILE A 111 15.99 -17.72 6.52
CA ILE A 111 15.52 -16.40 6.12
C ILE A 111 16.33 -15.82 4.98
N ILE A 112 15.61 -15.39 3.93
CA ILE A 112 16.21 -14.56 2.88
C ILE A 112 15.72 -13.11 3.01
N LEU A 113 16.61 -12.15 3.16
CA LEU A 113 16.19 -10.74 3.25
C LEU A 113 16.03 -10.07 1.89
N ASP A 114 14.92 -9.34 1.75
CA ASP A 114 14.48 -8.75 0.50
C ASP A 114 14.25 -7.24 0.59
N ARG A 115 15.17 -6.46 0.02
CA ARG A 115 14.99 -5.02 -0.15
C ARG A 115 13.83 -4.87 -1.13
N HIS A 116 12.65 -4.74 -0.54
CA HIS A 116 11.42 -4.77 -1.31
C HIS A 116 10.89 -3.40 -1.72
N ARG A 117 11.35 -2.36 -1.03
CA ARG A 117 10.94 -0.97 -1.17
C ARG A 117 12.03 -0.04 -0.62
N PRO A 118 12.24 1.06 -1.34
CA PRO A 118 13.18 2.10 -0.88
C PRO A 118 12.68 2.77 0.40
N ASP A 119 11.37 2.90 0.52
CA ASP A 119 10.75 3.46 1.72
C ASP A 119 9.34 2.90 1.80
N CYS A 120 8.66 3.10 2.91
CA CYS A 120 7.44 2.32 3.17
C CYS A 120 6.30 2.70 2.26
N SER A 121 6.45 3.77 1.47
CA SER A 121 5.34 4.25 0.64
C SER A 121 5.12 3.39 -0.60
N GLY A 122 6.16 2.72 -1.12
CA GLY A 122 5.88 1.85 -2.24
C GLY A 122 7.14 1.34 -2.92
N GLN A 123 6.97 0.52 -3.95
CA GLN A 123 8.07 -0.01 -4.74
C GLN A 123 8.65 1.02 -5.70
N SER A 124 9.84 0.77 -6.23
CA SER A 124 10.48 1.61 -7.24
C SER A 124 10.92 0.76 -8.43
N ALA A 125 10.91 1.31 -9.63
CA ALA A 125 11.27 0.49 -10.79
C ALA A 125 12.79 0.36 -10.86
N LEU A 126 13.42 1.40 -10.36
CA LEU A 126 14.87 1.44 -10.27
C LEU A 126 15.27 1.23 -8.80
N TRP A 127 16.56 0.95 -8.64
CA TRP A 127 17.08 0.63 -7.32
C TRP A 127 17.30 1.88 -6.49
N TYR A 128 17.05 3.04 -7.09
CA TYR A 128 17.26 4.31 -6.40
C TYR A 128 16.09 5.24 -6.71
N THR A 129 15.95 6.25 -5.84
CA THR A 129 14.96 7.30 -6.00
C THR A 129 15.59 8.62 -5.59
N SER A 130 14.86 9.69 -5.81
CA SER A 130 15.27 11.04 -5.41
C SER A 130 15.51 11.10 -3.90
N SER A 131 14.60 10.44 -3.18
CA SER A 131 14.68 10.32 -1.73
C SER A 131 15.65 9.22 -1.31
N VAL A 132 15.55 8.01 -1.84
CA VAL A 132 16.56 7.02 -1.41
C VAL A 132 17.52 6.69 -2.56
N SER A 133 18.77 7.00 -2.30
CA SER A 133 19.92 6.84 -3.16
C SER A 133 20.59 5.47 -3.14
N GLU A 134 21.24 5.17 -4.26
CA GLU A 134 22.02 3.95 -4.42
C GLU A 134 22.93 3.75 -3.21
N ALA A 135 23.59 4.83 -2.82
CA ALA A 135 24.54 4.72 -1.71
C ALA A 135 23.85 4.27 -0.43
N THR A 136 22.64 4.77 -0.26
CA THR A 136 21.95 4.44 0.99
C THR A 136 21.51 2.99 0.93
N TRP A 137 20.99 2.64 -0.25
CA TRP A 137 20.66 1.28 -0.62
C TRP A 137 21.77 0.31 -0.20
N ILE A 138 22.96 0.58 -0.74
CA ILE A 138 24.13 -0.25 -0.54
C ILE A 138 24.60 -0.25 0.91
N SER A 139 24.61 0.92 1.54
CA SER A 139 25.02 0.98 2.94
C SER A 139 24.08 0.15 3.81
N ASP A 140 22.78 0.27 3.52
CA ASP A 140 21.79 -0.53 4.24
C ASP A 140 22.08 -2.01 4.03
N LEU A 141 22.20 -2.46 2.79
CA LEU A 141 22.48 -3.89 2.54
C LEU A 141 23.73 -4.29 3.31
N GLN A 142 24.76 -3.44 3.28
CA GLN A 142 25.92 -3.86 4.06
C GLN A 142 25.56 -3.88 5.54
N ALA A 143 24.79 -2.88 5.98
CA ALA A 143 24.48 -2.78 7.40
C ALA A 143 23.76 -4.02 7.90
N LEU A 144 22.81 -4.50 7.11
CA LEU A 144 22.12 -5.75 7.46
C LEU A 144 23.05 -6.94 7.40
N ALA A 145 23.94 -7.04 6.40
CA ALA A 145 24.78 -8.23 6.32
C ALA A 145 25.73 -8.30 7.49
N GLN A 146 26.20 -7.11 7.89
CA GLN A 146 27.12 -7.13 9.02
C GLN A 146 26.36 -7.52 10.27
N ARG A 147 25.11 -7.08 10.35
CA ARG A 147 24.24 -7.38 11.47
C ARG A 147 23.97 -8.87 11.61
N TYR A 148 23.96 -9.67 10.54
CA TYR A 148 23.72 -11.09 10.74
C TYR A 148 24.94 -11.93 10.38
N LYS A 149 26.08 -11.24 10.35
CA LYS A 149 27.32 -11.90 9.98
C LYS A 149 27.64 -12.92 11.07
N GLY A 150 27.68 -14.19 10.69
CA GLY A 150 27.90 -15.28 11.63
C GLY A 150 26.64 -16.06 11.90
N ASN A 151 25.47 -15.49 11.58
CA ASN A 151 24.29 -16.34 11.77
C ASN A 151 23.76 -16.74 10.40
N PRO A 152 24.08 -17.99 10.06
CA PRO A 152 23.61 -18.60 8.82
C PRO A 152 22.11 -18.77 8.76
N THR A 153 21.37 -18.39 9.78
CA THR A 153 19.92 -18.34 9.61
C THR A 153 19.52 -17.50 8.41
N VAL A 154 20.28 -16.42 8.23
CA VAL A 154 20.08 -15.58 7.04
C VAL A 154 21.05 -16.00 5.95
N VAL A 155 20.56 -16.67 4.92
CA VAL A 155 21.43 -17.27 3.93
C VAL A 155 21.86 -16.34 2.79
N GLY A 156 21.18 -15.22 2.57
CA GLY A 156 21.51 -14.24 1.57
C GLY A 156 20.50 -13.13 1.31
N PHE A 157 20.75 -12.30 0.29
CA PHE A 157 19.89 -11.16 0.02
C PHE A 157 19.34 -11.12 -1.41
N ASP A 158 18.06 -10.79 -1.48
CA ASP A 158 17.35 -10.42 -2.70
C ASP A 158 17.56 -8.91 -2.86
N LEU A 159 18.55 -8.50 -3.63
CA LEU A 159 19.05 -7.14 -3.74
C LEU A 159 18.00 -6.05 -3.93
N HIS A 160 16.99 -6.28 -4.76
CA HIS A 160 15.95 -5.28 -5.00
C HIS A 160 14.75 -5.98 -5.63
N ASN A 161 13.60 -5.73 -5.00
CA ASN A 161 12.37 -6.34 -5.45
C ASN A 161 11.90 -5.72 -6.76
N GLU A 162 11.69 -6.59 -7.73
CA GLU A 162 10.98 -6.32 -8.96
C GLU A 162 11.42 -5.15 -9.81
N PRO A 163 12.69 -5.06 -10.17
CA PRO A 163 13.12 -4.03 -11.12
C PRO A 163 12.24 -4.05 -12.36
N HIS A 164 11.91 -2.87 -12.90
CA HIS A 164 11.17 -2.87 -14.16
C HIS A 164 11.41 -1.54 -14.88
N ASP A 165 10.61 -1.29 -15.90
CA ASP A 165 10.81 -0.17 -16.81
C ASP A 165 10.93 1.16 -16.09
N PRO A 166 11.96 1.91 -16.46
CA PRO A 166 12.86 1.57 -17.56
C PRO A 166 14.15 0.86 -17.21
N ALA A 167 14.16 -0.04 -16.23
CA ALA A 167 15.44 -0.75 -16.01
C ALA A 167 15.77 -1.56 -17.26
N CYS A 168 17.06 -1.70 -17.53
CA CYS A 168 17.57 -2.50 -18.63
C CYS A 168 18.51 -3.59 -18.14
N TRP A 169 18.65 -4.68 -18.88
CA TRP A 169 19.67 -5.69 -18.66
C TRP A 169 20.75 -5.59 -19.75
N GLY A 170 21.94 -5.19 -19.34
CA GLY A 170 23.14 -5.04 -20.10
C GLY A 170 23.22 -3.85 -21.05
N CYS A 171 22.32 -2.88 -21.00
CA CYS A 171 22.40 -1.81 -21.98
C CYS A 171 23.58 -0.87 -21.74
N GLY A 172 24.27 -0.94 -20.60
CA GLY A 172 25.50 -0.19 -20.39
C GLY A 172 25.34 1.19 -19.80
N ASP A 173 24.12 1.75 -19.85
CA ASP A 173 23.84 3.05 -19.27
C ASP A 173 23.69 2.92 -17.76
N PRO A 174 24.69 3.35 -17.03
CA PRO A 174 24.78 3.04 -15.59
C PRO A 174 23.64 3.61 -14.77
N SER A 175 22.81 4.47 -15.35
CA SER A 175 21.65 4.99 -14.65
C SER A 175 20.46 4.05 -14.71
N ILE A 176 20.51 2.99 -15.53
CA ILE A 176 19.30 2.17 -15.63
C ILE A 176 19.58 0.69 -15.87
N ASP A 177 20.86 0.35 -15.91
CA ASP A 177 21.34 -1.00 -16.20
C ASP A 177 21.41 -1.79 -14.90
N TRP A 178 20.33 -2.51 -14.62
CA TRP A 178 20.21 -3.28 -13.39
C TRP A 178 21.27 -4.36 -13.28
N ARG A 179 21.69 -4.88 -14.43
CA ARG A 179 22.74 -5.91 -14.37
C ARG A 179 23.99 -5.34 -13.74
N LEU A 180 24.34 -4.10 -14.09
CA LEU A 180 25.55 -3.55 -13.47
C LEU A 180 25.32 -3.16 -12.01
N ALA A 181 24.14 -2.65 -11.66
CA ALA A 181 23.83 -2.24 -10.29
C ALA A 181 23.90 -3.44 -9.35
N ALA A 182 23.31 -4.53 -9.87
CA ALA A 182 23.28 -5.80 -9.13
C ALA A 182 24.68 -6.22 -8.72
N GLU A 183 25.63 -6.20 -9.66
CA GLU A 183 27.01 -6.46 -9.30
C GLU A 183 27.53 -5.48 -8.28
N ARG A 184 27.23 -4.19 -8.43
CA ARG A 184 27.71 -3.19 -7.48
C ARG A 184 27.30 -3.60 -6.05
N ALA A 185 26.01 -3.80 -5.87
CA ALA A 185 25.38 -4.16 -4.61
C ALA A 185 25.92 -5.49 -4.10
N GLY A 186 25.83 -6.50 -4.96
CA GLY A 186 26.33 -7.83 -4.66
C GLY A 186 27.74 -7.82 -4.13
N ASN A 187 28.67 -7.15 -4.83
CA ASN A 187 30.05 -7.18 -4.31
C ASN A 187 30.17 -6.39 -3.02
N ALA A 188 29.31 -5.39 -2.84
CA ALA A 188 29.37 -4.63 -1.57
C ALA A 188 29.06 -5.60 -0.44
N VAL A 189 27.94 -6.30 -0.66
CA VAL A 189 27.51 -7.34 0.28
C VAL A 189 28.60 -8.36 0.51
N LEU A 190 29.15 -8.98 -0.55
CA LEU A 190 30.11 -10.07 -0.33
C LEU A 190 31.38 -9.50 0.28
N SER A 191 31.56 -8.19 0.16
CA SER A 191 32.71 -7.57 0.80
C SER A 191 32.53 -7.62 2.31
N VAL A 192 31.30 -7.85 2.78
CA VAL A 192 31.10 -7.88 4.22
C VAL A 192 31.12 -9.32 4.73
N ASN A 193 30.46 -10.17 3.95
CA ASN A 193 30.27 -11.58 4.29
C ASN A 193 30.19 -12.39 3.03
N PRO A 194 31.33 -12.92 2.58
CA PRO A 194 31.41 -13.55 1.27
C PRO A 194 30.76 -14.93 1.24
N ASN A 195 30.16 -15.32 2.36
CA ASN A 195 29.49 -16.63 2.37
C ASN A 195 28.00 -16.50 2.08
N LEU A 196 27.52 -15.28 1.86
CA LEU A 196 26.10 -15.10 1.63
C LEU A 196 25.68 -15.43 0.21
N LEU A 197 24.45 -15.90 0.00
CA LEU A 197 24.02 -16.00 -1.39
C LEU A 197 23.41 -14.65 -1.83
N ILE A 198 23.60 -14.30 -3.07
CA ILE A 198 23.14 -13.13 -3.77
C ILE A 198 22.09 -13.54 -4.79
N PHE A 199 20.86 -13.12 -4.55
CA PHE A 199 19.70 -13.39 -5.39
C PHE A 199 19.37 -12.16 -6.24
N VAL A 200 19.40 -12.32 -7.55
CA VAL A 200 19.20 -11.21 -8.47
C VAL A 200 17.96 -11.39 -9.32
N GLU A 201 17.04 -10.43 -9.25
CA GLU A 201 15.84 -10.62 -10.08
C GLU A 201 16.11 -10.07 -11.46
N GLY A 202 15.17 -10.31 -12.36
CA GLY A 202 15.28 -9.82 -13.72
C GLY A 202 14.63 -8.47 -13.86
N VAL A 203 14.63 -7.92 -15.08
CA VAL A 203 13.97 -6.62 -15.26
C VAL A 203 12.58 -6.92 -15.79
N GLN A 204 11.97 -6.02 -16.55
CA GLN A 204 10.63 -6.39 -17.01
C GLN A 204 10.57 -6.56 -18.53
N SER A 205 11.47 -5.84 -19.19
CA SER A 205 11.51 -5.81 -20.64
C SER A 205 12.91 -6.07 -21.20
N TYR A 206 12.95 -6.82 -22.30
CA TYR A 206 14.26 -7.02 -22.92
C TYR A 206 14.11 -7.44 -24.39
N ASN A 207 14.85 -6.74 -25.24
CA ASN A 207 14.81 -6.93 -26.69
C ASN A 207 13.34 -7.01 -27.12
N GLY A 208 12.62 -6.00 -26.63
CA GLY A 208 11.24 -5.77 -26.98
C GLY A 208 10.30 -6.82 -26.46
N ASP A 209 10.80 -7.73 -25.62
CA ASP A 209 9.85 -8.64 -24.99
C ASP A 209 9.64 -8.20 -23.53
N SER A 210 8.38 -8.23 -23.11
CA SER A 210 7.99 -7.81 -21.77
C SER A 210 7.31 -8.94 -21.00
N TYR A 211 7.68 -9.07 -19.74
CA TYR A 211 7.16 -10.11 -18.83
C TYR A 211 6.80 -9.46 -17.50
N TRP A 212 6.50 -10.22 -16.45
CA TRP A 212 6.21 -9.66 -15.14
C TRP A 212 7.45 -9.06 -14.48
N TRP A 213 7.26 -7.99 -13.71
CA TRP A 213 8.39 -7.31 -13.07
C TRP A 213 9.26 -8.30 -12.29
N GLY A 214 10.56 -8.10 -12.41
CA GLY A 214 11.52 -8.99 -11.78
C GLY A 214 11.58 -10.36 -12.44
N GLY A 215 10.77 -10.60 -13.47
CA GLY A 215 10.70 -11.90 -14.09
C GLY A 215 11.54 -12.02 -15.34
N ASN A 216 11.92 -10.91 -15.97
CA ASN A 216 12.59 -11.11 -17.26
C ASN A 216 14.09 -11.31 -17.18
N LEU A 217 14.54 -12.57 -17.23
CA LEU A 217 16.00 -12.75 -17.13
C LEU A 217 16.59 -13.11 -18.49
N GLN A 218 15.83 -12.87 -19.56
CA GLN A 218 16.27 -13.21 -20.91
C GLN A 218 17.64 -12.65 -21.23
N GLY A 219 18.05 -11.54 -20.64
CA GLY A 219 19.36 -11.03 -21.04
C GLY A 219 20.47 -11.58 -20.18
N ALA A 220 20.15 -12.49 -19.25
CA ALA A 220 21.20 -12.98 -18.35
C ALA A 220 22.16 -13.96 -19.03
N GLY A 221 21.67 -14.63 -20.07
CA GLY A 221 22.47 -15.51 -20.89
C GLY A 221 23.66 -14.81 -21.51
N GLN A 222 23.45 -13.68 -22.19
CA GLN A 222 24.57 -12.99 -22.83
C GLN A 222 25.30 -12.06 -21.88
N TYR A 223 24.57 -11.41 -20.99
CA TYR A 223 25.17 -10.46 -20.06
C TYR A 223 24.98 -10.91 -18.62
N PRO A 224 25.76 -11.90 -18.21
CA PRO A 224 25.63 -12.50 -16.89
C PRO A 224 26.12 -11.64 -15.75
N VAL A 225 25.58 -11.90 -14.56
CA VAL A 225 26.11 -11.25 -13.36
C VAL A 225 27.36 -11.98 -12.90
N VAL A 226 28.45 -11.23 -12.73
CA VAL A 226 29.74 -11.78 -12.31
C VAL A 226 30.17 -11.18 -10.97
N LEU A 227 30.25 -11.99 -9.92
CA LEU A 227 30.56 -11.53 -8.57
C LEU A 227 31.97 -11.91 -8.16
N ASN A 228 32.53 -11.14 -7.24
CA ASN A 228 33.90 -11.34 -6.77
C ASN A 228 34.09 -12.70 -6.12
N VAL A 229 32.97 -13.27 -5.69
CA VAL A 229 33.01 -14.59 -5.07
C VAL A 229 32.13 -15.53 -5.89
N PRO A 230 32.80 -16.62 -6.28
CA PRO A 230 32.18 -17.66 -7.07
C PRO A 230 31.26 -18.54 -6.22
N ASN A 231 30.21 -18.98 -6.88
CA ASN A 231 29.23 -19.91 -6.33
C ASN A 231 28.37 -19.25 -5.27
N ARG A 232 27.83 -18.09 -5.64
CA ARG A 232 27.02 -17.30 -4.71
C ARG A 232 25.77 -16.78 -5.39
N LEU A 233 25.74 -16.85 -6.72
CA LEU A 233 24.69 -16.21 -7.50
C LEU A 233 23.52 -17.14 -7.80
N VAL A 234 22.34 -16.67 -7.41
CA VAL A 234 21.07 -17.32 -7.70
C VAL A 234 20.26 -16.28 -8.47
N TYR A 235 19.75 -16.63 -9.64
CA TYR A 235 18.90 -15.73 -10.42
C TYR A 235 17.49 -15.92 -9.91
N SER A 236 16.66 -14.89 -10.03
CA SER A 236 15.31 -15.06 -9.52
C SER A 236 14.28 -14.38 -10.42
N ALA A 237 13.13 -15.00 -10.61
CA ALA A 237 12.02 -14.44 -11.35
C ALA A 237 10.78 -14.39 -10.46
N HIS A 238 9.78 -13.69 -10.93
CA HIS A 238 8.45 -13.67 -10.33
C HIS A 238 7.44 -14.01 -11.42
N ASP A 239 6.32 -14.64 -11.11
CA ASP A 239 5.34 -14.92 -12.17
C ASP A 239 3.95 -14.82 -11.59
N TYR A 240 2.94 -14.35 -12.32
CA TYR A 240 1.58 -14.40 -11.76
C TYR A 240 0.57 -14.88 -12.80
N ALA A 241 -0.67 -14.93 -12.34
CA ALA A 241 -1.83 -15.35 -13.10
C ALA A 241 -2.83 -14.19 -13.10
N THR A 242 -4.11 -14.43 -13.36
CA THR A 242 -4.95 -13.27 -13.69
C THR A 242 -5.41 -12.47 -12.50
N SER A 243 -5.48 -13.05 -11.31
CA SER A 243 -5.92 -12.35 -10.09
C SER A 243 -5.12 -11.08 -9.87
N VAL A 244 -3.87 -11.14 -10.31
CA VAL A 244 -2.95 -10.03 -10.32
C VAL A 244 -3.18 -9.21 -11.58
N GLY A 245 -3.34 -9.91 -12.71
CA GLY A 245 -3.50 -9.13 -13.91
C GLY A 245 -3.34 -9.89 -15.22
N PRO A 246 -3.85 -9.20 -16.24
CA PRO A 246 -4.01 -9.71 -17.59
C PRO A 246 -2.73 -9.81 -18.39
N GLN A 247 -2.59 -10.97 -19.02
CA GLN A 247 -1.46 -11.17 -19.92
C GLN A 247 -1.96 -11.92 -21.16
N THR A 248 -1.37 -11.60 -22.30
CA THR A 248 -1.78 -12.19 -23.56
C THR A 248 -1.96 -13.70 -23.50
N TRP A 249 -1.01 -14.39 -22.87
CA TRP A 249 -1.03 -15.85 -22.96
C TRP A 249 -2.13 -16.55 -22.19
N PHE A 250 -2.86 -15.87 -21.31
CA PHE A 250 -3.93 -16.59 -20.60
C PHE A 250 -5.11 -16.76 -21.55
N SER A 251 -5.08 -15.90 -22.57
CA SER A 251 -6.09 -15.91 -23.62
C SER A 251 -5.65 -16.78 -24.79
N ASP A 252 -4.39 -17.23 -24.80
CA ASP A 252 -3.95 -18.07 -25.92
C ASP A 252 -4.72 -19.38 -25.90
N PRO A 253 -5.26 -19.75 -27.05
CA PRO A 253 -6.15 -20.91 -27.15
C PRO A 253 -5.47 -22.22 -26.75
N THR A 254 -4.14 -22.25 -26.72
CA THR A 254 -3.48 -23.52 -26.40
C THR A 254 -3.02 -23.57 -24.96
N PHE A 255 -3.55 -22.65 -24.16
CA PHE A 255 -3.23 -22.57 -22.73
C PHE A 255 -3.65 -23.83 -22.00
N PRO A 256 -2.85 -24.33 -21.07
CA PRO A 256 -1.59 -23.73 -20.65
C PRO A 256 -0.38 -24.38 -21.29
N ASN A 257 -0.54 -24.86 -22.52
CA ASN A 257 0.52 -25.55 -23.24
C ASN A 257 1.68 -24.61 -23.53
N ASN A 258 1.26 -23.38 -23.77
CA ASN A 258 2.14 -22.25 -24.00
C ASN A 258 3.04 -21.90 -22.81
N MET A 259 2.53 -22.11 -21.60
CA MET A 259 3.20 -21.63 -20.39
C MET A 259 4.67 -22.02 -20.31
N PRO A 260 5.03 -23.28 -20.40
CA PRO A 260 6.43 -23.68 -20.16
C PRO A 260 7.35 -22.97 -21.16
N GLY A 261 6.78 -22.71 -22.33
CA GLY A 261 7.50 -21.93 -23.34
C GLY A 261 7.83 -20.55 -22.79
N ILE A 262 6.81 -19.85 -22.32
CA ILE A 262 7.01 -18.52 -21.72
C ILE A 262 7.95 -18.58 -20.53
N TRP A 263 7.75 -19.58 -19.67
CA TRP A 263 8.62 -19.68 -18.50
C TRP A 263 10.05 -19.93 -18.93
N ASN A 264 10.22 -20.86 -19.88
CA ASN A 264 11.58 -21.21 -20.25
C ASN A 264 12.30 -20.03 -20.87
N LYS A 265 11.57 -19.29 -21.71
CA LYS A 265 12.18 -18.15 -22.36
C LYS A 265 12.71 -17.13 -21.35
N ASN A 266 11.88 -16.82 -20.36
CA ASN A 266 12.18 -15.76 -19.40
C ASN A 266 13.08 -16.13 -18.24
N TRP A 267 13.04 -17.36 -17.74
CA TRP A 267 13.94 -17.68 -16.62
C TRP A 267 14.31 -19.16 -16.59
N GLY A 268 13.39 -20.02 -17.04
CA GLY A 268 13.62 -21.44 -17.15
C GLY A 268 14.96 -21.82 -17.76
N TYR A 269 15.35 -21.26 -18.90
CA TYR A 269 16.57 -21.60 -19.61
C TYR A 269 17.78 -21.66 -18.70
N LEU A 270 17.85 -20.77 -17.70
CA LEU A 270 19.08 -20.75 -16.91
C LEU A 270 19.29 -22.03 -16.11
N PHE A 271 18.18 -22.67 -15.77
CA PHE A 271 18.13 -23.91 -15.01
C PHE A 271 18.34 -25.10 -15.94
N ASN A 272 17.50 -25.15 -16.97
CA ASN A 272 17.67 -26.14 -18.03
C ASN A 272 19.09 -26.12 -18.57
N GLN A 273 19.67 -24.97 -18.89
CA GLN A 273 21.04 -25.00 -19.39
C GLN A 273 22.07 -25.17 -18.29
N ASN A 274 21.62 -25.54 -17.09
CA ASN A 274 22.55 -25.71 -15.97
C ASN A 274 23.48 -24.53 -15.72
N ILE A 275 23.03 -23.30 -15.90
CA ILE A 275 23.90 -22.15 -15.70
C ILE A 275 23.97 -21.71 -14.24
N ALA A 276 22.84 -21.78 -13.56
CA ALA A 276 22.67 -21.27 -12.21
C ALA A 276 21.38 -21.74 -11.57
N PRO A 277 21.31 -21.74 -10.25
CA PRO A 277 20.04 -22.12 -9.62
C PRO A 277 19.05 -20.99 -9.90
N VAL A 278 17.78 -21.30 -10.01
CA VAL A 278 16.75 -20.31 -10.23
C VAL A 278 15.66 -20.34 -9.16
N TRP A 279 15.32 -19.15 -8.67
CA TRP A 279 14.38 -19.00 -7.56
C TRP A 279 13.15 -18.23 -7.99
N LEU A 280 12.00 -18.90 -7.88
CA LEU A 280 10.72 -18.20 -8.10
C LEU A 280 10.37 -17.59 -6.73
N GLY A 281 10.85 -16.37 -6.53
CA GLY A 281 10.82 -15.68 -5.27
C GLY A 281 9.44 -15.20 -4.88
N GLU A 282 8.58 -15.06 -5.88
CA GLU A 282 7.26 -14.50 -5.59
C GLU A 282 6.28 -14.95 -6.67
N PHE A 283 5.16 -15.48 -6.21
CA PHE A 283 4.10 -15.99 -7.05
C PHE A 283 2.91 -16.35 -6.17
N GLY A 284 1.71 -16.18 -6.72
CA GLY A 284 0.53 -16.58 -5.94
C GLY A 284 -0.71 -16.26 -6.77
N THR A 285 -1.87 -16.60 -6.21
CA THR A 285 -3.16 -16.25 -6.78
C THR A 285 -4.25 -16.56 -5.75
N THR A 286 -5.35 -15.83 -5.85
CA THR A 286 -6.52 -16.18 -5.05
C THR A 286 -7.17 -17.47 -5.52
N LEU A 287 -6.80 -18.02 -6.67
CA LEU A 287 -7.40 -19.27 -7.08
C LEU A 287 -8.90 -19.11 -7.32
N GLN A 288 -9.32 -17.88 -7.61
CA GLN A 288 -10.76 -17.69 -7.80
C GLN A 288 -11.19 -18.14 -9.19
N SER A 289 -10.28 -18.10 -10.15
CA SER A 289 -10.64 -18.50 -11.51
C SER A 289 -10.07 -19.85 -11.90
N THR A 290 -10.77 -20.51 -12.82
CA THR A 290 -10.27 -21.78 -13.33
C THR A 290 -8.90 -21.55 -13.96
N THR A 291 -8.78 -20.42 -14.66
CA THR A 291 -7.51 -20.13 -15.30
C THR A 291 -6.35 -20.12 -14.29
N ASP A 292 -6.58 -19.41 -13.19
CA ASP A 292 -5.51 -19.31 -12.20
C ASP A 292 -5.19 -20.71 -11.69
N GLN A 293 -6.24 -21.51 -11.49
CA GLN A 293 -6.03 -22.84 -10.95
C GLN A 293 -5.29 -23.78 -11.90
N THR A 294 -5.46 -23.57 -13.20
CA THR A 294 -4.70 -24.41 -14.13
C THR A 294 -3.23 -23.97 -14.06
N TRP A 295 -3.09 -22.65 -14.13
CA TRP A 295 -1.81 -21.97 -13.96
C TRP A 295 -1.06 -22.58 -12.79
N LEU A 296 -1.60 -22.46 -11.57
CA LEU A 296 -0.88 -22.98 -10.41
C LEU A 296 -0.56 -24.47 -10.57
N LYS A 297 -1.54 -25.27 -10.95
CA LYS A 297 -1.32 -26.70 -11.17
C LYS A 297 -0.13 -26.94 -12.09
N THR A 298 -0.15 -26.29 -13.25
CA THR A 298 0.90 -26.36 -14.25
C THR A 298 2.26 -25.89 -13.74
N LEU A 299 2.30 -24.65 -13.27
CA LEU A 299 3.46 -24.08 -12.61
C LEU A 299 4.08 -25.05 -11.60
N VAL A 300 3.25 -25.63 -10.73
CA VAL A 300 3.83 -26.51 -9.72
C VAL A 300 4.53 -27.69 -10.37
N GLN A 301 3.88 -28.27 -11.39
CA GLN A 301 4.59 -29.34 -12.10
C GLN A 301 5.89 -28.80 -12.69
N TYR A 302 5.82 -27.67 -13.41
CA TYR A 302 7.01 -27.10 -14.05
C TYR A 302 8.14 -26.97 -13.03
N LEU A 303 7.81 -26.66 -11.78
CA LEU A 303 8.92 -26.35 -10.88
C LEU A 303 9.66 -27.60 -10.44
N ARG A 304 9.16 -28.76 -10.85
CA ARG A 304 9.70 -30.08 -10.64
C ARG A 304 9.43 -30.63 -9.24
N PRO A 305 8.44 -31.50 -9.12
CA PRO A 305 8.06 -32.07 -7.82
C PRO A 305 9.23 -32.75 -7.12
N THR A 306 9.22 -32.58 -5.80
CA THR A 306 10.34 -33.01 -4.98
C THR A 306 10.53 -34.52 -4.98
N ALA A 307 9.42 -35.23 -5.16
CA ALA A 307 9.47 -36.70 -5.13
C ALA A 307 10.21 -37.23 -6.35
N GLN A 308 9.85 -36.74 -7.54
CA GLN A 308 10.63 -37.09 -8.73
C GLN A 308 11.99 -36.45 -8.76
N TYR A 309 12.16 -35.20 -8.29
CA TYR A 309 13.50 -34.69 -8.59
C TYR A 309 14.28 -34.14 -7.40
N GLY A 310 13.74 -34.19 -6.20
CA GLY A 310 14.56 -33.75 -5.07
C GLY A 310 15.02 -32.32 -5.19
N ALA A 311 16.25 -32.05 -4.75
CA ALA A 311 16.77 -30.69 -4.74
C ALA A 311 17.29 -30.28 -6.11
N ASP A 312 17.20 -31.18 -7.09
CA ASP A 312 17.60 -30.75 -8.43
C ASP A 312 16.36 -30.19 -9.12
N SER A 313 15.99 -29.00 -8.66
CA SER A 313 14.70 -28.44 -9.03
C SER A 313 14.65 -26.95 -8.76
N PHE A 314 13.52 -26.31 -9.05
CA PHE A 314 13.44 -24.87 -8.83
C PHE A 314 13.25 -24.52 -7.37
N GLN A 315 14.02 -23.52 -6.91
CA GLN A 315 13.79 -22.92 -5.60
C GLN A 315 12.50 -22.10 -5.65
N TRP A 316 11.77 -22.02 -4.52
CA TRP A 316 10.58 -21.18 -4.56
C TRP A 316 10.19 -20.70 -3.16
N THR A 317 9.40 -19.62 -3.12
CA THR A 317 8.79 -19.02 -1.96
C THR A 317 7.51 -18.32 -2.45
N PHE A 318 6.39 -18.76 -1.91
CA PHE A 318 5.05 -18.38 -2.32
C PHE A 318 4.61 -17.06 -1.73
N TRP A 319 3.69 -16.38 -2.40
CA TRP A 319 3.11 -15.14 -1.89
C TRP A 319 1.61 -15.33 -1.70
N SER A 320 1.14 -15.28 -0.45
CA SER A 320 1.96 -15.10 0.72
C SER A 320 1.35 -15.80 1.93
N TRP A 321 2.12 -15.80 3.03
CA TRP A 321 1.54 -16.21 4.31
C TRP A 321 0.33 -15.32 4.63
N ASN A 322 0.50 -14.01 4.68
CA ASN A 322 -0.48 -12.98 4.94
C ASN A 322 -1.78 -13.13 4.15
N PRO A 323 -2.90 -13.03 4.83
CA PRO A 323 -4.18 -13.00 4.12
C PRO A 323 -4.40 -11.62 3.53
N ASP A 324 -3.65 -10.65 4.09
CA ASP A 324 -3.97 -9.28 3.64
C ASP A 324 -3.22 -8.88 2.37
N SER A 325 -3.28 -9.70 1.33
CA SER A 325 -2.85 -9.34 -0.02
C SER A 325 -4.04 -9.55 -0.97
N GLY A 326 -4.58 -8.44 -1.45
CA GLY A 326 -5.77 -8.39 -2.27
C GLY A 326 -5.74 -9.41 -3.42
N ASP A 327 -4.84 -9.17 -4.32
CA ASP A 327 -4.39 -9.75 -5.57
C ASP A 327 -4.15 -11.26 -5.58
N THR A 328 -3.70 -11.79 -4.45
CA THR A 328 -3.32 -13.19 -4.32
C THR A 328 -4.01 -13.88 -3.16
N GLY A 329 -4.36 -13.13 -2.11
CA GLY A 329 -4.86 -13.80 -0.89
C GLY A 329 -3.67 -14.43 -0.19
N GLY A 330 -3.88 -15.31 0.79
CA GLY A 330 -2.77 -15.93 1.48
C GLY A 330 -2.97 -17.38 1.87
N ILE A 331 -1.99 -17.92 2.59
CA ILE A 331 -2.12 -19.28 3.11
C ILE A 331 -3.09 -19.26 4.29
N LEU A 332 -2.86 -18.38 5.24
CA LEU A 332 -3.77 -18.08 6.33
C LEU A 332 -5.02 -17.37 5.82
N LYS A 333 -6.15 -17.58 6.48
CA LYS A 333 -7.40 -16.86 6.24
C LYS A 333 -7.45 -15.59 7.08
N ASP A 334 -8.53 -14.83 6.95
CA ASP A 334 -8.61 -13.50 7.54
C ASP A 334 -8.43 -13.50 9.05
N ASP A 335 -8.59 -14.66 9.68
CA ASP A 335 -8.44 -14.75 11.13
C ASP A 335 -7.00 -14.92 11.58
N TRP A 336 -6.08 -14.93 10.62
CA TRP A 336 -4.68 -15.19 10.96
C TRP A 336 -4.46 -16.45 11.79
N GLN A 337 -5.32 -17.46 11.67
CA GLN A 337 -5.16 -18.74 12.35
C GLN A 337 -5.50 -19.92 11.43
N THR A 338 -6.62 -19.78 10.74
CA THR A 338 -7.14 -20.84 9.88
C THR A 338 -6.41 -20.89 8.55
N VAL A 339 -5.92 -22.09 8.21
CA VAL A 339 -5.22 -22.31 6.96
C VAL A 339 -6.12 -22.50 5.75
N ASP A 340 -5.75 -21.92 4.62
CA ASP A 340 -6.47 -22.27 3.38
C ASP A 340 -5.83 -23.55 2.85
N THR A 341 -6.20 -24.68 3.46
CA THR A 341 -5.56 -25.93 3.10
C THR A 341 -5.72 -26.30 1.64
N ASP A 342 -6.76 -25.81 0.97
CA ASP A 342 -6.81 -26.25 -0.45
C ASP A 342 -5.65 -25.58 -1.20
N LYS A 343 -5.48 -24.28 -0.98
CA LYS A 343 -4.37 -23.55 -1.61
C LYS A 343 -3.07 -24.24 -1.23
N ASP A 344 -2.89 -24.43 0.07
CA ASP A 344 -1.73 -25.15 0.58
C ASP A 344 -1.59 -26.50 -0.12
N GLY A 345 -2.73 -27.10 -0.45
CA GLY A 345 -2.83 -28.33 -1.19
C GLY A 345 -1.94 -28.30 -2.43
N TYR A 346 -2.19 -27.33 -3.30
CA TYR A 346 -1.40 -27.18 -4.53
C TYR A 346 0.10 -27.21 -4.32
N LEU A 347 0.62 -26.75 -3.19
CA LEU A 347 2.07 -26.56 -3.14
C LEU A 347 2.77 -27.76 -2.55
N ALA A 348 1.96 -28.70 -2.07
CA ALA A 348 2.50 -29.93 -1.52
C ALA A 348 3.59 -30.61 -2.35
N PRO A 349 3.39 -30.84 -3.64
CA PRO A 349 4.38 -31.59 -4.43
C PRO A 349 5.76 -30.97 -4.43
N ILE A 350 5.79 -29.63 -4.30
CA ILE A 350 7.14 -29.05 -4.41
C ILE A 350 7.68 -28.73 -3.03
N LYS A 351 6.92 -29.15 -1.99
CA LYS A 351 7.54 -28.84 -0.71
C LYS A 351 8.72 -29.79 -0.48
N SER A 352 9.52 -29.37 0.50
CA SER A 352 10.71 -30.18 0.83
C SER A 352 10.82 -30.18 2.35
N SER A 353 12.02 -30.28 2.89
CA SER A 353 12.11 -30.57 4.31
C SER A 353 12.67 -29.41 5.10
N ILE A 354 12.20 -29.32 6.34
CA ILE A 354 12.76 -28.41 7.32
C ILE A 354 14.26 -28.61 7.42
N PHE A 355 15.00 -27.57 7.78
CA PHE A 355 16.44 -27.66 7.90
C PHE A 355 16.85 -27.92 9.34
N ASP A 356 18.17 -28.06 9.49
CA ASP A 356 18.66 -28.34 10.84
C ASP A 356 18.63 -27.03 11.61
N PRO A 357 18.38 -27.19 12.89
CA PRO A 357 18.45 -26.11 13.87
C PRO A 357 19.71 -25.28 13.69
N VAL A 358 19.64 -23.95 13.78
CA VAL A 358 20.86 -23.16 13.74
C VAL A 358 21.27 -22.78 15.17
N ALA B 1 -25.76 22.77 15.81
CA ALA B 1 -25.83 22.88 14.36
C ALA B 1 -25.44 21.59 13.66
N GLY B 2 -25.69 21.58 12.35
CA GLY B 2 -25.35 20.46 11.50
C GLY B 2 -26.49 19.49 11.36
N GLY B 3 -27.66 19.80 11.92
CA GLY B 3 -28.74 18.82 11.84
C GLY B 3 -29.34 18.68 10.44
N GLY B 4 -29.69 17.44 10.10
CA GLY B 4 -30.30 17.03 8.85
C GLY B 4 -29.36 16.96 7.67
N TYR B 5 -29.87 16.66 6.48
CA TYR B 5 -28.97 16.70 5.32
C TYR B 5 -28.56 18.14 5.08
N TRP B 6 -27.45 18.38 4.37
CA TRP B 6 -26.96 19.73 4.13
C TRP B 6 -27.13 20.22 2.71
N HIS B 7 -26.86 21.51 2.46
CA HIS B 7 -26.98 21.99 1.08
C HIS B 7 -26.10 23.21 0.89
N THR B 8 -25.91 23.64 -0.36
CA THR B 8 -24.97 24.76 -0.47
C THR B 8 -25.70 26.06 -0.72
N SER B 9 -25.06 27.16 -0.40
CA SER B 9 -25.42 28.56 -0.62
C SER B 9 -24.11 29.32 -0.90
N GLY B 10 -23.95 29.76 -2.14
CA GLY B 10 -22.69 30.36 -2.57
C GLY B 10 -21.48 29.55 -2.17
N ARG B 11 -20.50 30.19 -1.54
CA ARG B 11 -19.35 29.39 -1.12
C ARG B 11 -19.59 28.73 0.22
N GLU B 12 -20.78 28.80 0.82
CA GLU B 12 -20.90 28.20 2.15
C GLU B 12 -21.80 26.97 2.21
N ILE B 13 -21.63 26.16 3.25
CA ILE B 13 -22.49 24.99 3.45
C ILE B 13 -23.44 25.22 4.63
N LEU B 14 -24.71 24.87 4.50
CA LEU B 14 -25.75 25.14 5.49
C LEU B 14 -26.50 23.87 5.87
N ASP B 15 -26.91 23.81 7.14
CA ASP B 15 -27.66 22.63 7.56
C ASP B 15 -29.11 22.81 7.15
N ALA B 16 -29.93 21.85 7.57
CA ALA B 16 -31.33 21.89 7.15
C ALA B 16 -32.05 23.12 7.70
N ASN B 17 -31.48 23.76 8.72
CA ASN B 17 -32.07 24.96 9.31
C ASN B 17 -31.33 26.20 8.83
N ASN B 18 -30.69 26.06 7.68
CA ASN B 18 -29.99 27.15 7.03
C ASN B 18 -28.96 27.81 7.92
N VAL B 19 -28.46 27.06 8.90
CA VAL B 19 -27.29 27.54 9.63
C VAL B 19 -26.00 27.12 8.94
N PRO B 20 -25.05 28.03 8.81
CA PRO B 20 -23.77 27.74 8.18
C PRO B 20 -22.92 26.73 8.95
N VAL B 21 -22.43 25.69 8.27
CA VAL B 21 -21.54 24.73 8.92
C VAL B 21 -20.17 24.74 8.26
N ARG B 22 -19.15 24.33 9.01
CA ARG B 22 -17.81 24.19 8.48
C ARG B 22 -17.35 22.74 8.60
N ILE B 23 -16.98 22.09 7.51
CA ILE B 23 -16.33 20.78 7.66
C ILE B 23 -14.90 21.04 8.11
N ALA B 24 -14.56 20.66 9.34
CA ALA B 24 -13.20 20.85 9.84
C ALA B 24 -12.77 19.59 10.58
N GLY B 25 -12.10 18.70 9.82
CA GLY B 25 -11.91 17.36 10.35
C GLY B 25 -10.69 16.61 9.89
N ILE B 26 -10.84 15.28 9.81
CA ILE B 26 -9.68 14.42 9.62
C ILE B 26 -9.99 13.14 8.84
N ASN B 27 -8.93 12.61 8.22
CA ASN B 27 -8.95 11.32 7.56
C ASN B 27 -8.58 10.17 8.50
N TRP B 28 -9.37 9.11 8.47
CA TRP B 28 -9.00 7.89 9.21
C TRP B 28 -9.02 6.74 8.21
N PHE B 29 -7.86 6.33 7.69
CA PHE B 29 -7.84 5.37 6.59
C PHE B 29 -7.69 3.90 7.01
N GLY B 30 -7.97 3.01 6.08
CA GLY B 30 -7.81 1.58 6.09
C GLY B 30 -8.86 0.76 5.36
N PHE B 31 -10.10 1.24 5.28
CA PHE B 31 -11.18 0.49 4.63
C PHE B 31 -10.87 0.26 3.16
N GLU B 32 -10.01 1.12 2.62
CA GLU B 32 -9.55 1.09 1.25
C GLU B 32 -8.25 0.28 1.14
N THR B 33 -7.75 -0.19 2.28
CA THR B 33 -6.56 -1.02 2.28
C THR B 33 -6.96 -2.49 2.24
N CYS B 34 -5.96 -3.38 2.16
CA CYS B 34 -6.37 -4.79 2.15
C CYS B 34 -6.46 -5.31 3.57
N ASN B 35 -6.60 -4.41 4.54
CA ASN B 35 -7.03 -4.89 5.85
C ASN B 35 -8.56 -4.86 5.97
N TYR B 36 -9.19 -4.15 5.05
CA TYR B 36 -10.63 -3.99 4.90
C TYR B 36 -11.32 -3.35 6.09
N VAL B 37 -10.66 -2.46 6.82
CA VAL B 37 -11.23 -1.80 8.00
C VAL B 37 -10.30 -0.70 8.48
N VAL B 38 -10.78 0.32 9.20
CA VAL B 38 -9.87 1.37 9.68
C VAL B 38 -8.72 0.78 10.48
N HIS B 39 -7.51 1.28 10.20
CA HIS B 39 -6.33 0.83 10.92
C HIS B 39 -6.37 1.32 12.36
N GLY B 40 -5.74 0.58 13.25
CA GLY B 40 -5.61 0.96 14.65
C GLY B 40 -6.51 0.23 15.61
N LEU B 41 -7.50 -0.50 15.10
CA LEU B 41 -8.39 -1.32 15.91
C LEU B 41 -7.74 -2.60 16.44
N TRP B 42 -6.43 -2.65 16.36
CA TRP B 42 -5.54 -3.69 16.81
C TRP B 42 -5.06 -3.35 18.23
N SER B 43 -5.08 -2.04 18.46
CA SER B 43 -4.67 -1.46 19.72
C SER B 43 -5.77 -0.63 20.37
N ARG B 44 -6.90 -0.37 19.72
CA ARG B 44 -7.85 0.54 20.36
C ARG B 44 -9.28 0.11 20.11
N ASP B 45 -10.17 0.47 21.03
CA ASP B 45 -11.58 0.14 20.72
C ASP B 45 -12.10 1.27 19.86
N TYR B 46 -12.86 0.89 18.83
CA TYR B 46 -13.27 1.95 17.89
C TYR B 46 -14.05 3.10 18.52
N ARG B 47 -15.02 2.79 19.37
CA ARG B 47 -15.70 3.88 20.08
C ARG B 47 -14.74 4.80 20.81
N SER B 48 -13.74 4.24 21.46
CA SER B 48 -12.81 5.11 22.18
C SER B 48 -12.11 6.05 21.21
N MET B 49 -11.79 5.49 20.04
CA MET B 49 -11.08 6.28 19.03
C MET B 49 -11.94 7.46 18.58
N LEU B 50 -13.19 7.15 18.27
CA LEU B 50 -14.14 8.18 17.83
C LEU B 50 -14.26 9.24 18.91
N ASP B 51 -14.37 8.85 20.18
CA ASP B 51 -14.38 9.82 21.27
C ASP B 51 -13.13 10.70 21.31
N GLN B 52 -11.97 10.09 21.12
CA GLN B 52 -10.76 10.90 21.26
C GLN B 52 -10.71 11.97 20.17
N ILE B 53 -11.14 11.59 18.98
CA ILE B 53 -11.14 12.48 17.81
C ILE B 53 -12.06 13.66 18.08
N LYS B 54 -13.28 13.37 18.52
CA LYS B 54 -14.22 14.40 18.93
C LYS B 54 -13.59 15.28 20.01
N SER B 55 -13.01 14.64 21.02
CA SER B 55 -12.35 15.39 22.08
C SER B 55 -11.32 16.36 21.52
N LEU B 56 -10.63 16.00 20.45
CA LEU B 56 -9.62 16.97 19.97
C LEU B 56 -10.29 18.03 19.13
N GLY B 57 -11.61 17.91 18.89
CA GLY B 57 -12.22 19.01 18.16
C GLY B 57 -12.28 18.93 16.66
N TYR B 58 -12.16 17.74 16.09
CA TYR B 58 -12.39 17.52 14.66
C TYR B 58 -13.86 17.16 14.51
N ASN B 59 -14.63 17.61 13.54
CA ASN B 59 -16.07 17.37 13.58
C ASN B 59 -16.61 16.44 12.50
N THR B 60 -15.73 16.06 11.58
CA THR B 60 -16.09 15.29 10.41
C THR B 60 -14.99 14.28 10.13
N ILE B 61 -15.39 13.07 9.79
CA ILE B 61 -14.33 12.15 9.35
C ILE B 61 -14.45 11.86 7.87
N ARG B 62 -13.36 12.05 7.15
CA ARG B 62 -13.38 11.54 5.75
C ARG B 62 -12.94 10.07 5.82
N LEU B 63 -13.75 9.21 5.25
CA LEU B 63 -13.53 7.77 5.40
C LEU B 63 -13.29 7.08 4.05
N PRO B 64 -12.01 6.91 3.72
CA PRO B 64 -11.66 6.21 2.47
C PRO B 64 -12.13 4.76 2.50
N TYR B 65 -12.64 4.30 1.38
CA TYR B 65 -12.92 2.88 1.19
C TYR B 65 -12.49 2.49 -0.22
N SER B 66 -12.39 1.20 -0.49
CA SER B 66 -12.18 0.68 -1.84
C SER B 66 -13.39 -0.15 -2.24
N ASP B 67 -13.57 -0.36 -3.54
CA ASP B 67 -14.74 -1.21 -3.84
C ASP B 67 -14.60 -2.63 -3.31
N ASP B 68 -13.47 -3.11 -2.81
CA ASP B 68 -13.37 -4.48 -2.32
C ASP B 68 -14.34 -4.77 -1.18
N ILE B 69 -14.61 -3.81 -0.30
CA ILE B 69 -15.52 -4.06 0.81
C ILE B 69 -16.95 -4.31 0.36
N LEU B 70 -17.29 -4.04 -0.90
CA LEU B 70 -18.66 -4.40 -1.29
C LEU B 70 -18.72 -5.79 -1.91
N LYS B 71 -17.56 -6.40 -2.16
CA LYS B 71 -17.58 -7.82 -2.55
C LYS B 71 -18.16 -8.57 -1.36
N PRO B 72 -19.14 -9.40 -1.65
CA PRO B 72 -19.85 -10.14 -0.60
C PRO B 72 -18.89 -10.89 0.30
N GLY B 73 -19.19 -10.91 1.59
CA GLY B 73 -18.36 -11.61 2.55
C GLY B 73 -17.00 -11.04 2.79
N THR B 74 -16.76 -9.76 2.42
CA THR B 74 -15.42 -9.25 2.72
C THR B 74 -15.32 -8.95 4.21
N MET B 75 -14.19 -9.28 4.81
CA MET B 75 -13.96 -9.16 6.24
C MET B 75 -12.61 -8.54 6.60
N PRO B 76 -12.65 -7.82 7.71
CA PRO B 76 -11.45 -7.18 8.25
C PRO B 76 -10.42 -8.22 8.65
N ASN B 77 -9.14 -7.85 8.71
CA ASN B 77 -8.19 -8.78 9.29
C ASN B 77 -7.16 -8.08 10.17
N SER B 78 -7.50 -6.91 10.72
CA SER B 78 -6.54 -6.22 11.57
C SER B 78 -7.21 -5.58 12.79
N ILE B 79 -8.31 -6.17 13.23
CA ILE B 79 -8.99 -5.83 14.45
C ILE B 79 -8.58 -6.80 15.55
N ASN B 80 -8.36 -6.26 16.75
CA ASN B 80 -8.09 -7.14 17.88
C ASN B 80 -9.26 -7.09 18.85
N PHE B 81 -9.60 -8.19 19.54
CA PHE B 81 -10.78 -8.12 20.39
C PHE B 81 -10.57 -8.46 21.86
N TYR B 82 -9.39 -8.35 22.48
CA TYR B 82 -9.41 -8.55 23.91
C TYR B 82 -9.96 -7.26 24.54
N GLN B 83 -11.14 -7.34 25.15
CA GLN B 83 -11.53 -6.19 25.96
C GLN B 83 -11.57 -4.91 25.12
N MET B 84 -11.98 -5.09 23.87
CA MET B 84 -12.11 -4.02 22.89
C MET B 84 -12.72 -4.60 21.61
N ASN B 85 -13.61 -3.84 21.00
CA ASN B 85 -14.17 -4.10 19.69
C ASN B 85 -15.03 -5.35 19.62
N GLN B 86 -15.31 -5.89 20.79
CA GLN B 86 -16.11 -7.10 20.96
C GLN B 86 -17.36 -7.10 20.09
N ASP B 87 -17.98 -5.94 19.85
CA ASP B 87 -19.22 -6.03 19.06
C ASP B 87 -18.91 -6.14 17.56
N LEU B 88 -17.66 -5.89 17.22
CA LEU B 88 -17.32 -6.01 15.80
C LEU B 88 -17.08 -7.45 15.38
N GLN B 89 -16.79 -8.33 16.34
CA GLN B 89 -16.42 -9.69 16.00
C GLN B 89 -17.43 -10.39 15.11
N GLY B 90 -16.96 -10.92 13.98
CA GLY B 90 -17.85 -11.63 13.09
C GLY B 90 -18.59 -10.81 12.07
N LEU B 91 -18.45 -9.48 12.13
CA LEU B 91 -19.10 -8.62 11.15
C LEU B 91 -18.28 -8.53 9.87
N THR B 92 -18.98 -8.35 8.76
CA THR B 92 -18.34 -8.00 7.51
C THR B 92 -17.84 -6.55 7.58
N SER B 93 -16.99 -6.23 6.62
CA SER B 93 -16.43 -4.89 6.52
C SER B 93 -17.52 -3.83 6.52
N LEU B 94 -18.62 -4.05 5.78
CA LEU B 94 -19.69 -3.06 5.74
C LEU B 94 -20.38 -2.97 7.09
N GLN B 95 -20.55 -4.12 7.74
CA GLN B 95 -21.19 -4.11 9.05
C GLN B 95 -20.41 -3.29 10.05
N VAL B 96 -19.08 -3.39 10.02
CA VAL B 96 -18.21 -2.60 10.90
C VAL B 96 -18.32 -1.12 10.56
N MET B 97 -18.57 -0.85 9.29
CA MET B 97 -18.68 0.55 8.87
C MET B 97 -19.96 1.13 9.48
N ASP B 98 -21.02 0.36 9.32
CA ASP B 98 -22.30 0.70 9.92
C ASP B 98 -22.12 1.01 11.41
N LYS B 99 -21.33 0.19 12.09
CA LYS B 99 -21.17 0.34 13.52
C LYS B 99 -20.60 1.73 13.79
N ILE B 100 -19.60 2.01 12.98
CA ILE B 100 -18.80 3.21 13.06
C ILE B 100 -19.59 4.48 12.71
N VAL B 101 -20.34 4.40 11.62
CA VAL B 101 -21.16 5.53 11.18
C VAL B 101 -22.13 5.94 12.29
N ALA B 102 -22.78 4.96 12.89
CA ALA B 102 -23.76 5.11 13.94
C ALA B 102 -23.24 5.78 15.20
N TYR B 103 -22.17 5.19 15.73
CA TYR B 103 -21.62 5.77 16.96
C TYR B 103 -21.15 7.18 16.65
N ALA B 104 -20.60 7.36 15.45
CA ALA B 104 -20.10 8.70 15.13
C ALA B 104 -21.27 9.70 15.11
N GLY B 105 -22.41 9.25 14.62
CA GLY B 105 -23.65 10.01 14.60
C GLY B 105 -24.04 10.43 16.00
N GLN B 106 -24.15 9.43 16.86
CA GLN B 106 -24.49 9.60 18.27
C GLN B 106 -23.67 10.69 18.96
N ILE B 107 -22.39 10.81 18.61
CA ILE B 107 -21.56 11.75 19.37
C ILE B 107 -21.40 13.06 18.62
N GLY B 108 -22.20 13.22 17.56
CA GLY B 108 -22.18 14.42 16.77
C GLY B 108 -21.01 14.61 15.83
N LEU B 109 -20.44 13.52 15.33
CA LEU B 109 -19.49 13.68 14.22
C LEU B 109 -20.22 13.53 12.90
N ARG B 110 -19.65 13.99 11.80
CA ARG B 110 -20.29 13.62 10.53
C ARG B 110 -19.28 12.82 9.69
N ILE B 111 -19.82 12.09 8.73
CA ILE B 111 -18.95 11.29 7.87
C ILE B 111 -19.10 11.63 6.39
N ILE B 112 -17.96 11.70 5.71
CA ILE B 112 -17.87 11.86 4.26
C ILE B 112 -17.20 10.61 3.67
N LEU B 113 -17.94 9.87 2.85
CA LEU B 113 -17.50 8.60 2.28
C LEU B 113 -16.65 8.84 1.02
N ASP B 114 -15.48 8.22 0.95
CA ASP B 114 -14.51 8.52 -0.12
C ASP B 114 -14.03 7.28 -0.84
N ARG B 115 -14.39 7.17 -2.12
CA ARG B 115 -13.95 6.10 -3.00
C ARG B 115 -12.48 6.35 -3.31
N HIS B 116 -11.61 5.70 -2.55
CA HIS B 116 -10.21 6.10 -2.56
C HIS B 116 -9.39 5.32 -3.58
N ARG B 117 -9.79 4.08 -3.81
CA ARG B 117 -9.19 3.03 -4.62
C ARG B 117 -10.26 2.06 -5.12
N PRO B 118 -10.08 1.68 -6.38
CA PRO B 118 -11.00 0.73 -7.03
C PRO B 118 -10.92 -0.62 -6.35
N ASP B 119 -9.70 -1.03 -6.01
CA ASP B 119 -9.55 -2.20 -5.14
C ASP B 119 -8.35 -1.95 -4.22
N CYS B 120 -8.15 -2.81 -3.23
CA CYS B 120 -7.28 -2.48 -2.11
C CYS B 120 -5.80 -2.45 -2.46
N SER B 121 -5.45 -2.88 -3.67
CA SER B 121 -4.03 -2.93 -4.02
C SER B 121 -3.49 -1.58 -4.41
N GLY B 122 -4.38 -0.58 -4.60
CA GLY B 122 -3.77 0.69 -4.99
C GLY B 122 -4.72 1.66 -5.64
N GLN B 123 -4.25 2.91 -5.77
CA GLN B 123 -4.97 3.97 -6.43
C GLN B 123 -4.89 3.89 -7.95
N SER B 124 -5.74 4.67 -8.61
CA SER B 124 -5.78 4.79 -10.05
C SER B 124 -6.00 6.24 -10.51
N ALA B 125 -5.35 6.56 -11.62
CA ALA B 125 -5.38 7.87 -12.24
C ALA B 125 -6.77 8.20 -12.79
N LEU B 126 -7.40 7.15 -13.32
CA LEU B 126 -8.75 7.34 -13.87
C LEU B 126 -9.72 6.69 -12.88
N TRP B 127 -11.01 6.83 -13.12
CA TRP B 127 -12.01 6.30 -12.21
C TRP B 127 -12.43 4.87 -12.53
N TYR B 128 -11.72 4.22 -13.42
CA TYR B 128 -11.93 2.85 -13.87
C TYR B 128 -10.59 2.19 -14.16
N THR B 129 -10.58 0.87 -13.99
CA THR B 129 -9.44 0.03 -14.30
C THR B 129 -9.88 -1.21 -15.07
N SER B 130 -8.90 -1.95 -15.58
CA SER B 130 -9.23 -3.21 -16.28
C SER B 130 -10.09 -4.09 -15.39
N SER B 131 -9.78 -4.07 -14.09
CA SER B 131 -10.49 -4.92 -13.14
C SER B 131 -11.71 -4.24 -12.57
N VAL B 132 -11.69 -2.92 -12.44
CA VAL B 132 -12.90 -2.29 -11.92
C VAL B 132 -13.42 -1.27 -12.92
N SER B 133 -14.64 -1.56 -13.36
CA SER B 133 -15.34 -0.79 -14.38
C SER B 133 -16.17 0.34 -13.76
N GLU B 134 -16.32 1.36 -14.57
CA GLU B 134 -17.13 2.55 -14.32
C GLU B 134 -18.49 2.14 -13.77
N ALA B 135 -19.06 1.10 -14.39
CA ALA B 135 -20.41 0.72 -14.00
C ALA B 135 -20.45 0.19 -12.59
N THR B 136 -19.37 -0.53 -12.29
CA THR B 136 -19.23 -1.06 -10.94
C THR B 136 -19.00 0.06 -9.94
N TRP B 137 -18.17 1.01 -10.35
CA TRP B 137 -17.95 2.22 -9.59
C TRP B 137 -19.30 2.82 -9.21
N ILE B 138 -20.08 3.04 -10.27
CA ILE B 138 -21.37 3.72 -10.11
C ILE B 138 -22.36 2.84 -9.35
N SER B 139 -22.46 1.55 -9.64
CA SER B 139 -23.43 0.76 -8.86
C SER B 139 -23.06 0.79 -7.37
N ASP B 140 -21.76 0.68 -7.11
CA ASP B 140 -21.23 0.69 -5.76
C ASP B 140 -21.58 1.98 -5.03
N LEU B 141 -21.27 3.11 -5.65
CA LEU B 141 -21.70 4.41 -5.15
C LEU B 141 -23.20 4.39 -4.87
N GLN B 142 -24.00 3.88 -5.80
CA GLN B 142 -25.43 3.84 -5.52
C GLN B 142 -25.77 2.96 -4.33
N ALA B 143 -25.03 1.88 -4.13
CA ALA B 143 -25.38 0.94 -3.07
C ALA B 143 -25.23 1.54 -1.68
N LEU B 144 -24.09 2.17 -1.47
CA LEU B 144 -23.76 2.88 -0.26
C LEU B 144 -24.72 4.04 -0.02
N ALA B 145 -25.02 4.81 -1.06
CA ALA B 145 -25.99 5.88 -0.94
C ALA B 145 -27.31 5.28 -0.44
N GLN B 146 -27.67 4.11 -0.98
CA GLN B 146 -28.91 3.47 -0.53
C GLN B 146 -28.74 2.92 0.88
N ARG B 147 -27.58 2.34 1.15
CA ARG B 147 -27.29 1.83 2.49
C ARG B 147 -27.46 2.89 3.56
N TYR B 148 -27.21 4.17 3.31
CA TYR B 148 -27.28 5.15 4.41
C TYR B 148 -28.33 6.22 4.16
N LYS B 149 -29.16 6.04 3.14
CA LYS B 149 -30.23 6.97 2.82
C LYS B 149 -31.08 7.25 4.05
N GLY B 150 -31.28 8.51 4.44
CA GLY B 150 -32.13 8.68 5.62
C GLY B 150 -31.36 8.71 6.91
N ASN B 151 -30.04 8.54 6.80
CA ASN B 151 -29.13 8.74 7.91
C ASN B 151 -28.14 9.85 7.53
N PRO B 152 -28.42 11.07 7.95
CA PRO B 152 -27.55 12.19 7.54
C PRO B 152 -26.24 12.19 8.31
N THR B 153 -25.92 11.17 9.09
CA THR B 153 -24.54 11.10 9.58
C THR B 153 -23.54 11.12 8.43
N VAL B 154 -23.96 10.42 7.37
CA VAL B 154 -23.21 10.43 6.11
C VAL B 154 -23.71 11.60 5.27
N VAL B 155 -22.92 12.66 5.12
CA VAL B 155 -23.45 13.85 4.46
C VAL B 155 -23.21 13.88 2.96
N GLY B 156 -22.28 13.06 2.45
CA GLY B 156 -22.07 13.09 1.01
C GLY B 156 -20.91 12.21 0.57
N PHE B 157 -20.58 12.29 -0.71
CA PHE B 157 -19.53 11.41 -1.24
C PHE B 157 -18.49 12.17 -2.06
N ASP B 158 -17.25 11.82 -1.76
CA ASP B 158 -16.08 12.17 -2.55
C ASP B 158 -16.01 11.10 -3.64
N LEU B 159 -16.48 11.40 -4.85
CA LEU B 159 -16.71 10.44 -5.92
C LEU B 159 -15.46 9.64 -6.32
N HIS B 160 -14.29 10.26 -6.36
CA HIS B 160 -13.09 9.46 -6.66
C HIS B 160 -11.84 10.17 -6.15
N ASN B 161 -11.02 9.42 -5.41
CA ASN B 161 -9.84 10.04 -4.82
C ASN B 161 -8.72 10.30 -5.81
N GLU B 162 -8.34 11.56 -5.92
CA GLU B 162 -7.10 11.94 -6.60
C GLU B 162 -6.96 11.56 -8.07
N PRO B 163 -7.88 11.94 -8.94
CA PRO B 163 -7.68 11.71 -10.37
C PRO B 163 -6.41 12.35 -10.87
N HIS B 164 -5.74 11.74 -11.84
CA HIS B 164 -4.60 12.50 -12.38
C HIS B 164 -4.28 12.02 -13.80
N ASP B 165 -3.17 12.55 -14.31
CA ASP B 165 -2.78 12.27 -15.70
C ASP B 165 -2.83 10.77 -15.93
N PRO B 166 -3.51 10.33 -16.97
CA PRO B 166 -3.97 11.15 -18.06
C PRO B 166 -5.37 11.73 -17.92
N ALA B 167 -5.89 11.88 -16.71
CA ALA B 167 -7.22 12.50 -16.68
C ALA B 167 -7.15 13.96 -17.13
N CYS B 168 -8.18 14.43 -17.82
CA CYS B 168 -8.33 15.81 -18.24
C CYS B 168 -9.59 16.40 -17.58
N TRP B 169 -9.62 17.71 -17.49
CA TRP B 169 -10.83 18.45 -17.17
C TRP B 169 -11.38 19.11 -18.43
N GLY B 170 -12.59 18.72 -18.85
CA GLY B 170 -13.27 19.32 -19.96
C GLY B 170 -12.63 19.17 -21.32
N CYS B 171 -11.83 18.14 -21.58
CA CYS B 171 -11.24 18.00 -22.91
C CYS B 171 -12.16 17.23 -23.85
N GLY B 172 -13.27 16.70 -23.34
CA GLY B 172 -14.28 16.06 -24.13
C GLY B 172 -14.06 14.61 -24.49
N ASP B 173 -12.87 14.05 -24.30
CA ASP B 173 -12.71 12.60 -24.52
C ASP B 173 -13.26 11.78 -23.36
N PRO B 174 -14.39 11.14 -23.57
CA PRO B 174 -15.16 10.47 -22.52
C PRO B 174 -14.39 9.42 -21.74
N SER B 175 -13.27 9.00 -22.30
CA SER B 175 -12.36 8.03 -21.74
C SER B 175 -11.44 8.63 -20.69
N ILE B 176 -11.26 9.96 -20.75
CA ILE B 176 -10.37 10.56 -19.77
C ILE B 176 -10.85 11.89 -19.22
N ASP B 177 -12.04 12.35 -19.60
CA ASP B 177 -12.59 13.62 -19.11
C ASP B 177 -13.20 13.44 -17.72
N TRP B 178 -12.44 13.76 -16.66
CA TRP B 178 -13.00 13.56 -15.31
C TRP B 178 -14.27 14.37 -15.11
N ARG B 179 -14.33 15.56 -15.68
CA ARG B 179 -15.49 16.43 -15.56
C ARG B 179 -16.77 15.72 -16.00
N LEU B 180 -16.77 15.11 -17.17
CA LEU B 180 -17.98 14.36 -17.53
C LEU B 180 -18.22 13.16 -16.62
N ALA B 181 -17.19 12.46 -16.17
CA ALA B 181 -17.39 11.27 -15.34
C ALA B 181 -17.99 11.61 -13.99
N ALA B 182 -17.46 12.68 -13.39
CA ALA B 182 -17.96 13.18 -12.11
C ALA B 182 -19.46 13.45 -12.21
N GLU B 183 -19.85 14.12 -13.30
CA GLU B 183 -21.28 14.36 -13.47
C GLU B 183 -22.07 13.07 -13.50
N ARG B 184 -21.55 12.11 -14.27
CA ARG B 184 -22.30 10.87 -14.44
C ARG B 184 -22.56 10.21 -13.09
N ALA B 185 -21.50 10.15 -12.29
CA ALA B 185 -21.48 9.48 -11.00
C ALA B 185 -22.28 10.28 -9.97
N GLY B 186 -22.01 11.58 -9.93
CA GLY B 186 -22.83 12.51 -9.17
C GLY B 186 -24.31 12.31 -9.43
N ASN B 187 -24.73 12.37 -10.70
CA ASN B 187 -26.16 12.26 -10.98
C ASN B 187 -26.69 10.88 -10.64
N ALA B 188 -25.84 9.84 -10.72
CA ALA B 188 -26.41 8.55 -10.34
C ALA B 188 -26.67 8.55 -8.84
N VAL B 189 -25.69 9.08 -8.09
CA VAL B 189 -25.89 9.10 -6.64
C VAL B 189 -27.11 9.92 -6.26
N LEU B 190 -27.22 11.14 -6.78
CA LEU B 190 -28.41 11.94 -6.51
C LEU B 190 -29.69 11.25 -6.91
N SER B 191 -29.63 10.28 -7.84
CA SER B 191 -30.84 9.57 -8.21
C SER B 191 -31.28 8.64 -7.10
N VAL B 192 -30.37 8.39 -6.15
CA VAL B 192 -30.72 7.50 -5.04
C VAL B 192 -31.13 8.33 -3.83
N ASN B 193 -30.47 9.47 -3.69
CA ASN B 193 -30.67 10.35 -2.55
C ASN B 193 -30.16 11.75 -2.90
N PRO B 194 -31.14 12.57 -3.27
CA PRO B 194 -30.88 13.92 -3.76
C PRO B 194 -30.41 14.84 -2.65
N ASN B 195 -30.45 14.32 -1.42
CA ASN B 195 -29.97 15.18 -0.34
C ASN B 195 -28.47 15.11 -0.22
N LEU B 196 -27.82 14.14 -0.86
CA LEU B 196 -26.38 14.01 -0.55
C LEU B 196 -25.58 15.15 -1.16
N LEU B 197 -24.50 15.56 -0.50
CA LEU B 197 -23.58 16.51 -1.13
C LEU B 197 -22.61 15.76 -2.04
N ILE B 198 -22.23 16.38 -3.14
CA ILE B 198 -21.34 15.73 -4.09
C ILE B 198 -19.97 16.40 -4.09
N PHE B 199 -18.94 15.71 -3.60
CA PHE B 199 -17.59 16.26 -3.59
C PHE B 199 -16.81 15.79 -4.80
N VAL B 200 -16.50 16.74 -5.68
CA VAL B 200 -15.71 16.47 -6.87
C VAL B 200 -14.29 17.02 -6.79
N GLU B 201 -13.30 16.14 -6.82
CA GLU B 201 -11.91 16.60 -6.80
C GLU B 201 -11.49 17.08 -8.19
N GLY B 202 -10.36 17.79 -8.22
CA GLY B 202 -9.77 18.27 -9.45
C GLY B 202 -8.91 17.24 -10.13
N VAL B 203 -8.16 17.66 -11.18
CA VAL B 203 -7.27 16.67 -11.78
C VAL B 203 -5.84 17.07 -11.44
N GLN B 204 -4.91 16.76 -12.35
CA GLN B 204 -3.52 17.10 -12.03
C GLN B 204 -2.99 18.18 -12.97
N SER B 205 -3.45 18.10 -14.22
CA SER B 205 -2.92 19.03 -15.21
C SER B 205 -4.00 19.68 -16.05
N TYR B 206 -3.73 20.95 -16.35
CA TYR B 206 -4.69 21.70 -17.14
C TYR B 206 -3.90 22.71 -17.98
N ASN B 207 -4.08 22.70 -19.29
CA ASN B 207 -3.34 23.64 -20.14
C ASN B 207 -1.85 23.69 -19.77
N GLY B 208 -1.31 22.50 -19.51
CA GLY B 208 0.12 22.37 -19.26
C GLY B 208 0.54 22.77 -17.87
N ASP B 209 -0.38 23.30 -17.04
CA ASP B 209 0.07 23.50 -15.66
C ASP B 209 -0.28 22.23 -14.88
N SER B 210 0.66 21.87 -14.01
CA SER B 210 0.47 20.67 -13.21
C SER B 210 0.59 21.00 -11.72
N TYR B 211 -0.19 20.27 -10.93
CA TYR B 211 -0.35 20.44 -9.50
C TYR B 211 -0.55 19.09 -8.83
N TRP B 212 -0.72 19.04 -7.52
CA TRP B 212 -0.95 17.75 -6.89
C TRP B 212 -2.17 17.03 -7.44
N TRP B 213 -2.11 15.69 -7.44
CA TRP B 213 -3.29 14.96 -7.88
C TRP B 213 -4.48 15.39 -7.00
N GLY B 214 -5.59 15.48 -7.69
CA GLY B 214 -6.90 15.86 -7.23
C GLY B 214 -6.95 17.35 -6.94
N GLY B 215 -5.85 18.05 -7.16
CA GLY B 215 -5.73 19.44 -6.79
C GLY B 215 -5.98 20.46 -7.88
N ASN B 216 -6.03 20.06 -9.16
CA ASN B 216 -6.11 21.08 -10.21
C ASN B 216 -7.54 21.33 -10.65
N LEU B 217 -8.06 22.52 -10.32
CA LEU B 217 -9.45 22.83 -10.63
C LEU B 217 -9.54 24.04 -11.55
N GLN B 218 -8.41 24.35 -12.14
CA GLN B 218 -8.27 25.45 -13.09
C GLN B 218 -9.37 25.49 -14.13
N GLY B 219 -9.82 24.34 -14.61
CA GLY B 219 -10.85 24.31 -15.63
C GLY B 219 -12.27 24.37 -15.10
N ALA B 220 -12.46 24.25 -13.79
CA ALA B 220 -13.83 24.21 -13.25
C ALA B 220 -14.59 25.49 -13.55
N GLY B 221 -13.94 26.65 -13.43
CA GLY B 221 -14.56 27.88 -13.86
C GLY B 221 -15.06 27.85 -15.28
N GLN B 222 -14.23 27.39 -16.23
CA GLN B 222 -14.68 27.38 -17.62
C GLN B 222 -15.55 26.16 -17.92
N TYR B 223 -15.31 25.03 -17.28
CA TYR B 223 -16.13 23.85 -17.54
C TYR B 223 -16.64 23.25 -16.23
N PRO B 224 -17.73 23.84 -15.77
CA PRO B 224 -18.38 23.46 -14.52
C PRO B 224 -18.97 22.05 -14.54
N VAL B 225 -18.98 21.45 -13.36
CA VAL B 225 -19.77 20.27 -13.07
C VAL B 225 -21.21 20.73 -12.83
N VAL B 226 -22.15 20.18 -13.56
CA VAL B 226 -23.55 20.58 -13.48
C VAL B 226 -24.42 19.37 -13.16
N LEU B 227 -25.04 19.39 -11.99
CA LEU B 227 -25.77 18.26 -11.47
C LEU B 227 -27.28 18.46 -11.63
N ASN B 228 -28.00 17.34 -11.52
CA ASN B 228 -29.44 17.35 -11.64
C ASN B 228 -30.11 18.03 -10.46
N VAL B 229 -29.42 18.03 -9.33
CA VAL B 229 -29.92 18.75 -8.17
C VAL B 229 -28.93 19.87 -7.83
N PRO B 230 -29.49 21.07 -7.76
CA PRO B 230 -28.80 22.32 -7.44
C PRO B 230 -28.40 22.37 -5.98
N ASN B 231 -27.31 23.08 -5.71
CA ASN B 231 -26.72 23.26 -4.40
C ASN B 231 -26.40 21.93 -3.72
N ARG B 232 -25.77 21.05 -4.48
CA ARG B 232 -25.28 19.78 -3.96
C ARG B 232 -23.77 19.69 -4.14
N LEU B 233 -23.25 20.59 -4.96
CA LEU B 233 -21.88 20.45 -5.42
C LEU B 233 -20.87 21.25 -4.62
N VAL B 234 -19.89 20.51 -4.12
CA VAL B 234 -18.70 21.03 -3.47
C VAL B 234 -17.45 20.58 -4.23
N TYR B 235 -16.52 21.49 -4.49
CA TYR B 235 -15.28 21.15 -5.17
C TYR B 235 -14.21 20.79 -4.15
N SER B 236 -13.32 19.86 -4.54
CA SER B 236 -12.28 19.51 -3.58
C SER B 236 -10.91 19.60 -4.24
N ALA B 237 -9.91 19.86 -3.40
CA ALA B 237 -8.53 19.92 -3.81
C ALA B 237 -7.68 19.19 -2.77
N HIS B 238 -6.45 18.85 -3.14
CA HIS B 238 -5.52 18.26 -2.17
C HIS B 238 -4.23 19.08 -2.27
N ASP B 239 -3.45 19.19 -1.20
CA ASP B 239 -2.22 19.99 -1.32
C ASP B 239 -1.20 19.48 -0.31
N TYR B 240 0.06 19.38 -0.74
CA TYR B 240 1.08 18.77 0.11
C TYR B 240 2.33 19.63 0.18
N ALA B 241 3.31 19.13 0.95
CA ALA B 241 4.58 19.84 0.98
C ALA B 241 5.74 18.89 0.71
N THR B 242 6.95 19.33 1.04
CA THR B 242 8.13 18.58 0.63
C THR B 242 8.19 17.20 1.27
N SER B 243 7.55 17.00 2.42
CA SER B 243 7.60 15.67 3.02
C SER B 243 6.94 14.65 2.09
N VAL B 244 6.03 15.12 1.26
CA VAL B 244 5.39 14.19 0.33
C VAL B 244 6.11 14.24 -1.00
N GLY B 245 6.60 15.42 -1.32
CA GLY B 245 7.38 15.57 -2.54
C GLY B 245 7.81 17.00 -2.81
N PRO B 246 8.63 17.10 -3.83
CA PRO B 246 9.22 18.35 -4.30
C PRO B 246 8.34 19.06 -5.32
N GLN B 247 8.35 20.38 -5.26
CA GLN B 247 7.62 21.22 -6.20
C GLN B 247 8.42 22.51 -6.37
N THR B 248 8.38 23.11 -7.54
CA THR B 248 9.17 24.31 -7.82
C THR B 248 8.85 25.42 -6.84
N TRP B 249 7.59 25.56 -6.44
CA TRP B 249 7.30 26.72 -5.58
C TRP B 249 8.02 26.62 -4.25
N PHE B 250 8.46 25.42 -3.84
CA PHE B 250 9.09 25.44 -2.51
C PHE B 250 10.49 26.04 -2.62
N SER B 251 10.96 26.15 -3.86
CA SER B 251 12.30 26.65 -4.16
C SER B 251 12.28 28.12 -4.54
N ASP B 252 11.09 28.67 -4.82
CA ASP B 252 11.04 30.10 -5.11
C ASP B 252 11.59 30.88 -3.92
N PRO B 253 12.41 31.88 -4.24
CA PRO B 253 13.01 32.75 -3.24
C PRO B 253 11.97 33.51 -2.41
N THR B 254 10.76 33.69 -2.95
CA THR B 254 9.76 34.46 -2.25
C THR B 254 8.87 33.62 -1.34
N PHE B 255 9.05 32.30 -1.34
CA PHE B 255 8.29 31.40 -0.48
C PHE B 255 8.33 31.91 0.95
N PRO B 256 7.21 31.93 1.65
CA PRO B 256 5.95 31.31 1.23
C PRO B 256 4.96 32.32 0.67
N ASN B 257 5.46 33.50 0.33
CA ASN B 257 4.51 34.52 -0.16
C ASN B 257 3.99 34.21 -1.55
N ASN B 258 4.56 33.22 -2.22
CA ASN B 258 4.06 32.84 -3.53
C ASN B 258 2.81 31.97 -3.44
N MET B 259 2.74 31.25 -2.33
CA MET B 259 1.79 30.16 -2.13
C MET B 259 0.34 30.57 -2.35
N PRO B 260 -0.15 31.64 -1.76
CA PRO B 260 -1.53 32.09 -2.01
C PRO B 260 -1.82 32.18 -3.49
N GLY B 261 -0.81 32.56 -4.26
CA GLY B 261 -1.01 32.59 -5.70
C GLY B 261 -1.23 31.22 -6.30
N ILE B 262 -0.39 30.27 -5.88
CA ILE B 262 -0.57 28.91 -6.43
C ILE B 262 -1.93 28.37 -6.00
N TRP B 263 -2.22 28.52 -4.72
CA TRP B 263 -3.51 28.11 -4.17
C TRP B 263 -4.69 28.77 -4.87
N ASN B 264 -4.65 30.07 -5.13
CA ASN B 264 -5.81 30.75 -5.71
C ASN B 264 -6.07 30.24 -7.13
N LYS B 265 -4.98 30.09 -7.87
CA LYS B 265 -5.04 29.63 -9.26
C LYS B 265 -5.64 28.24 -9.36
N ASN B 266 -5.22 27.31 -8.50
CA ASN B 266 -5.64 25.93 -8.64
C ASN B 266 -6.97 25.58 -7.99
N TRP B 267 -7.43 26.25 -6.94
CA TRP B 267 -8.77 25.95 -6.41
C TRP B 267 -9.40 27.14 -5.67
N GLY B 268 -8.57 27.97 -5.06
CA GLY B 268 -8.94 29.15 -4.32
C GLY B 268 -9.97 30.04 -4.97
N TYR B 269 -9.69 30.46 -6.20
CA TYR B 269 -10.55 31.26 -7.04
C TYR B 269 -12.02 30.85 -6.93
N LEU B 270 -12.29 29.56 -6.81
CA LEU B 270 -13.67 29.08 -6.78
C LEU B 270 -14.44 29.65 -5.59
N PHE B 271 -13.75 29.79 -4.47
CA PHE B 271 -14.31 30.32 -3.22
C PHE B 271 -14.37 31.84 -3.31
N ASN B 272 -13.21 32.41 -3.60
CA ASN B 272 -13.06 33.86 -3.68
C ASN B 272 -14.10 34.50 -4.58
N GLN B 273 -14.43 33.85 -5.69
CA GLN B 273 -15.43 34.34 -6.62
C GLN B 273 -16.80 33.79 -6.25
N ASN B 274 -16.86 33.23 -5.06
CA ASN B 274 -18.11 32.68 -4.56
C ASN B 274 -18.82 31.77 -5.56
N ILE B 275 -18.13 30.80 -6.16
CA ILE B 275 -18.88 29.98 -7.12
C ILE B 275 -19.47 28.75 -6.44
N ALA B 276 -18.72 28.25 -5.46
CA ALA B 276 -19.10 27.07 -4.71
C ALA B 276 -18.18 26.90 -3.51
N PRO B 277 -18.56 26.09 -2.55
CA PRO B 277 -17.64 25.86 -1.43
C PRO B 277 -16.46 25.04 -1.97
N VAL B 278 -15.32 25.20 -1.33
CA VAL B 278 -14.12 24.45 -1.68
C VAL B 278 -13.62 23.68 -0.45
N TRP B 279 -13.37 22.39 -0.66
CA TRP B 279 -12.93 21.49 0.40
C TRP B 279 -11.50 21.02 0.16
N LEU B 280 -10.61 21.39 1.07
CA LEU B 280 -9.28 20.79 1.11
C LEU B 280 -9.41 19.42 1.78
N GLY B 281 -9.70 18.39 1.00
CA GLY B 281 -10.03 17.08 1.51
C GLY B 281 -8.83 16.30 2.02
N GLU B 282 -7.62 16.68 1.61
CA GLU B 282 -6.42 15.95 2.04
C GLU B 282 -5.22 16.88 2.03
N PHE B 283 -4.44 16.85 3.10
CA PHE B 283 -3.24 17.67 3.28
C PHE B 283 -2.61 17.24 4.60
N GLY B 284 -1.30 17.39 4.73
CA GLY B 284 -0.67 16.84 5.96
C GLY B 284 0.84 16.87 5.72
N THR B 285 1.60 16.61 6.78
CA THR B 285 3.05 16.67 6.72
C THR B 285 3.66 16.17 8.04
N THR B 286 4.92 15.77 7.92
CA THR B 286 5.66 15.22 9.05
C THR B 286 6.21 16.34 9.93
N LEU B 287 6.21 17.54 9.35
CA LEU B 287 6.72 18.75 9.95
C LEU B 287 8.22 18.65 10.26
N GLN B 288 8.89 17.74 9.56
CA GLN B 288 10.33 17.57 9.77
C GLN B 288 11.09 18.84 9.42
N SER B 289 10.86 19.33 8.21
CA SER B 289 11.49 20.51 7.67
C SER B 289 10.89 21.80 8.22
N THR B 290 11.71 22.84 8.30
CA THR B 290 11.12 24.13 8.69
C THR B 290 10.10 24.51 7.61
N THR B 291 10.52 24.30 6.37
CA THR B 291 9.75 24.50 5.16
C THR B 291 8.36 23.90 5.22
N ASP B 292 8.19 22.67 5.69
CA ASP B 292 6.83 22.17 5.82
C ASP B 292 6.07 22.88 6.94
N GLN B 293 6.79 23.20 8.01
CA GLN B 293 6.23 23.97 9.11
C GLN B 293 5.62 25.28 8.66
N THR B 294 6.44 26.05 7.95
CA THR B 294 6.04 27.32 7.34
C THR B 294 4.85 27.15 6.42
N TRP B 295 4.92 26.08 5.62
CA TRP B 295 3.85 25.75 4.67
C TRP B 295 2.55 25.62 5.46
N LEU B 296 2.58 24.81 6.51
CA LEU B 296 1.38 24.56 7.30
C LEU B 296 0.82 25.84 7.90
N LYS B 297 1.70 26.65 8.50
CA LYS B 297 1.30 27.89 9.15
C LYS B 297 0.62 28.80 8.13
N THR B 298 1.30 28.95 7.00
CA THR B 298 0.72 29.73 5.91
C THR B 298 -0.62 29.19 5.44
N LEU B 299 -0.73 27.87 5.25
CA LEU B 299 -1.94 27.32 4.64
C LEU B 299 -3.14 27.54 5.56
N VAL B 300 -2.97 27.25 6.84
CA VAL B 300 -4.02 27.44 7.85
C VAL B 300 -4.59 28.86 7.76
N GLN B 301 -3.65 29.81 7.68
CA GLN B 301 -4.11 31.19 7.53
C GLN B 301 -4.91 31.33 6.25
N TYR B 302 -4.45 30.72 5.15
CA TYR B 302 -5.14 30.93 3.87
C TYR B 302 -6.56 30.38 3.92
N LEU B 303 -6.74 29.35 4.75
CA LEU B 303 -8.00 28.63 4.81
C LEU B 303 -9.09 29.42 5.56
N ARG B 304 -8.65 30.47 6.23
CA ARG B 304 -9.44 31.44 6.96
C ARG B 304 -9.95 30.96 8.31
N PRO B 305 -9.35 31.49 9.37
CA PRO B 305 -9.69 31.18 10.76
C PRO B 305 -11.14 31.50 11.14
N THR B 306 -11.70 30.59 11.92
CA THR B 306 -13.10 30.60 12.32
C THR B 306 -13.53 31.83 13.12
N ALA B 307 -12.63 32.31 13.96
CA ALA B 307 -12.89 33.44 14.83
C ALA B 307 -13.24 34.67 13.99
N GLN B 308 -12.49 34.77 12.90
CA GLN B 308 -12.66 35.87 11.98
C GLN B 308 -13.72 35.61 10.94
N TYR B 309 -13.81 34.39 10.39
CA TYR B 309 -14.71 34.26 9.24
C TYR B 309 -15.72 33.14 9.42
N GLY B 310 -15.70 32.50 10.58
CA GLY B 310 -16.66 31.43 10.84
C GLY B 310 -16.70 30.39 9.73
N ALA B 311 -17.90 30.00 9.33
CA ALA B 311 -18.11 29.00 8.30
C ALA B 311 -18.07 29.60 6.89
N ASP B 312 -17.69 30.86 6.76
CA ASP B 312 -17.45 31.47 5.46
C ASP B 312 -15.96 31.41 5.15
N SER B 313 -15.51 30.18 4.99
CA SER B 313 -14.11 29.78 4.97
C SER B 313 -13.95 28.47 4.22
N PHE B 314 -12.74 27.97 4.00
CA PHE B 314 -12.65 26.70 3.28
C PHE B 314 -13.02 25.51 4.17
N GLN B 315 -13.64 24.49 3.58
CA GLN B 315 -13.81 23.20 4.26
C GLN B 315 -12.48 22.46 4.31
N TRP B 316 -12.29 21.59 5.30
CA TRP B 316 -11.02 20.86 5.32
C TRP B 316 -11.05 19.58 6.14
N THR B 317 -10.18 18.67 5.73
CA THR B 317 -9.94 17.42 6.44
C THR B 317 -8.45 17.09 6.32
N PHE B 318 -7.79 16.98 7.45
CA PHE B 318 -6.37 16.71 7.59
C PHE B 318 -6.02 15.24 7.33
N TRP B 319 -4.82 15.00 6.83
CA TRP B 319 -4.21 13.69 6.64
C TRP B 319 -3.00 13.54 7.56
N SER B 320 -3.11 12.68 8.55
CA SER B 320 -4.30 11.92 8.88
C SER B 320 -4.38 11.56 10.36
N TRP B 321 -5.46 10.92 10.81
CA TRP B 321 -5.50 10.43 12.20
C TRP B 321 -4.37 9.43 12.46
N ASN B 322 -4.30 8.38 11.65
CA ASN B 322 -3.34 7.32 11.55
C ASN B 322 -1.88 7.77 11.65
N PRO B 323 -1.08 7.07 12.43
CA PRO B 323 0.38 7.22 12.37
C PRO B 323 0.99 6.49 11.18
N ASP B 324 0.41 5.38 10.72
CA ASP B 324 1.00 4.61 9.63
C ASP B 324 0.83 5.19 8.23
N SER B 325 1.12 6.45 7.97
CA SER B 325 1.33 7.07 6.68
C SER B 325 2.77 7.60 6.58
N GLY B 326 3.61 6.89 5.87
CA GLY B 326 5.03 7.14 5.69
C GLY B 326 5.45 8.59 5.51
N ASP B 327 4.82 9.28 4.60
CA ASP B 327 4.94 10.60 4.05
C ASP B 327 4.45 11.74 4.90
N THR B 328 3.58 11.46 5.87
CA THR B 328 2.94 12.55 6.58
C THR B 328 2.86 12.31 8.09
N GLY B 329 2.79 11.04 8.47
CA GLY B 329 2.52 10.79 9.88
C GLY B 329 1.10 11.21 10.20
N GLY B 330 0.72 11.17 11.47
CA GLY B 330 -0.67 11.49 11.78
C GLY B 330 -0.82 12.40 12.96
N ILE B 331 -2.03 12.43 13.50
CA ILE B 331 -2.26 13.29 14.67
C ILE B 331 -1.83 12.53 15.91
N LEU B 332 -2.20 11.25 15.92
CA LEU B 332 -1.76 10.25 16.87
C LEU B 332 -0.32 9.79 16.56
N LYS B 333 0.39 9.30 17.57
CA LYS B 333 1.74 8.76 17.36
C LYS B 333 1.73 7.24 17.25
N ASP B 334 2.90 6.64 17.06
CA ASP B 334 3.05 5.22 16.81
C ASP B 334 2.39 4.31 17.84
N ASP B 335 1.99 4.83 18.99
CA ASP B 335 1.33 4.02 20.02
C ASP B 335 -0.18 4.02 19.82
N TRP B 336 -0.68 4.81 18.88
CA TRP B 336 -2.11 4.90 18.65
C TRP B 336 -2.88 5.37 19.88
N GLN B 337 -2.23 6.18 20.71
CA GLN B 337 -2.76 6.61 21.99
C GLN B 337 -2.50 8.11 22.20
N THR B 338 -1.23 8.41 22.08
CA THR B 338 -0.56 9.67 22.25
C THR B 338 -0.59 10.56 21.02
N VAL B 339 -1.13 11.75 21.24
CA VAL B 339 -1.39 12.79 20.29
C VAL B 339 -0.15 13.63 20.02
N ASP B 340 0.06 14.02 18.76
CA ASP B 340 1.12 14.98 18.47
C ASP B 340 0.53 16.37 18.65
N THR B 341 0.70 16.89 19.85
CA THR B 341 0.19 18.20 20.21
C THR B 341 0.73 19.32 19.34
N ASP B 342 1.99 19.20 18.94
CA ASP B 342 2.53 20.28 18.11
C ASP B 342 1.74 20.34 16.81
N LYS B 343 1.52 19.15 16.23
CA LYS B 343 0.81 19.08 14.96
C LYS B 343 -0.63 19.56 15.11
N ASP B 344 -1.33 18.98 16.06
CA ASP B 344 -2.72 19.36 16.37
C ASP B 344 -2.85 20.87 16.44
N GLY B 345 -1.86 21.43 17.14
CA GLY B 345 -1.73 22.84 17.37
C GLY B 345 -1.86 23.71 16.14
N TYR B 346 -1.14 23.33 15.09
CA TYR B 346 -1.16 24.14 13.87
C TYR B 346 -2.58 24.35 13.35
N LEU B 347 -3.49 23.43 13.65
CA LEU B 347 -4.82 23.43 13.05
C LEU B 347 -5.88 24.12 13.89
N ALA B 348 -5.60 24.39 15.15
CA ALA B 348 -6.51 25.04 16.08
C ALA B 348 -7.29 26.21 15.49
N PRO B 349 -6.65 27.20 14.87
CA PRO B 349 -7.37 28.34 14.33
C PRO B 349 -8.44 27.97 13.31
N ILE B 350 -8.38 26.78 12.71
CA ILE B 350 -9.43 26.60 11.68
C ILE B 350 -10.39 25.54 12.16
N LYS B 351 -10.22 25.14 13.44
CA LYS B 351 -11.25 24.17 13.86
C LYS B 351 -12.60 24.83 14.04
N SER B 352 -13.63 24.01 14.27
CA SER B 352 -14.96 24.54 14.45
C SER B 352 -15.74 23.75 15.51
N SER B 353 -17.06 23.92 15.46
CA SER B 353 -17.93 23.30 16.42
C SER B 353 -18.20 21.83 16.15
N ILE B 354 -18.44 21.03 17.19
CA ILE B 354 -18.99 19.70 16.97
C ILE B 354 -20.45 19.87 16.60
N PHE B 355 -21.00 19.00 15.76
CA PHE B 355 -22.38 19.12 15.30
C PHE B 355 -23.31 18.48 16.32
N ASP B 356 -24.61 18.61 16.03
CA ASP B 356 -25.61 18.01 16.91
C ASP B 356 -25.68 16.52 16.62
N PRO B 357 -25.99 15.74 17.63
CA PRO B 357 -26.08 14.29 17.42
C PRO B 357 -27.13 13.97 16.38
N VAL B 358 -27.09 12.71 16.01
CA VAL B 358 -27.98 12.13 15.01
C VAL B 358 -28.68 10.94 15.63
#